data_2P90
#
_entry.id   2P90
#
_cell.length_a   84.834
_cell.length_b   113.348
_cell.length_c   117.368
_cell.angle_alpha   90.00
_cell.angle_beta   90.00
_cell.angle_gamma   90.00
#
_symmetry.space_group_name_H-M   'P 21 21 21'
#
loop_
_entity.id
_entity.type
_entity.pdbx_description
1 polymer 'Hypothetical protein Cgl1923'
2 water water
#
_entity_poly.entity_id   1
_entity_poly.type   'polypeptide(L)'
_entity_poly.pdbx_seq_one_letter_code
;MSDNNDRMYELEYPSPEVSGQTAGGPTLIVALQGYADAGHAVESSSSHLMDALDHRLIASFNNDELIDYRSRRPVVVIEH
NEVTSMDELNLGLHVVRDNDNKPFLMLSGPEPDLRWGDFSNAVVDLVEKFGVENTICLYAAPMTVPHTRPTVVTAHGNST
DRLKDQVSLDTRMTVPGSASLMLEKLLKDKGKNVSGYTVHVPHYVSASPYPAATLKLLQSIADSADLNLPLLALERDAEK
VHRQLMEQTEESSEIQRVVGALEQQYDSELERYRNRHPQAVMPGESELPSGDEIGAEFEKFLADLDDQGGSDHKETPEA
;
_entity_poly.pdbx_strand_id   A,B,C
#
# COMPACT_ATOMS: atom_id res chain seq x y z
N ASP A 6 -5.53 16.87 15.85
CA ASP A 6 -5.92 18.31 15.66
C ASP A 6 -5.93 18.71 14.17
N ARG A 7 -4.78 18.57 13.51
CA ARG A 7 -4.67 18.60 12.03
C ARG A 7 -5.38 17.40 11.35
N MET A 8 -5.77 16.43 12.17
CA MET A 8 -6.45 15.25 11.69
C MET A 8 -7.89 15.52 11.28
N TYR A 9 -8.53 16.53 11.84
CA TYR A 9 -9.98 16.70 11.65
C TYR A 9 -10.43 18.13 11.72
N GLU A 10 -11.62 18.36 11.18
CA GLU A 10 -12.28 19.66 11.21
C GLU A 10 -13.62 19.55 11.95
N LEU A 11 -13.77 20.34 13.02
CA LEU A 11 -15.04 20.47 13.73
C LEU A 11 -16.09 21.21 12.89
N GLU A 12 -17.28 20.61 12.80
CA GLU A 12 -18.36 21.18 12.06
C GLU A 12 -18.88 22.45 12.74
N TYR A 13 -19.29 23.42 11.92
CA TYR A 13 -19.80 24.68 12.45
C TYR A 13 -21.07 25.11 11.69
N PRO A 14 -22.12 25.53 12.43
CA PRO A 14 -22.19 25.48 13.91
C PRO A 14 -22.24 24.04 14.45
N SER A 15 -21.94 23.93 15.74
CA SER A 15 -21.77 22.65 16.40
C SER A 15 -23.12 21.99 16.72
N PRO A 16 -23.32 20.72 16.28
CA PRO A 16 -24.61 20.04 16.45
C PRO A 16 -25.00 19.79 17.92
N GLU A 17 -26.30 19.62 18.19
CA GLU A 17 -26.77 19.40 19.56
C GLU A 17 -26.46 17.99 20.08
N VAL A 18 -25.72 17.94 21.18
CA VAL A 18 -25.17 16.68 21.70
C VAL A 18 -25.91 16.17 22.95
N SER A 19 -26.64 17.08 23.60
CA SER A 19 -27.28 16.82 24.90
C SER A 19 -28.53 15.90 24.86
N GLY A 20 -28.67 15.07 25.88
CA GLY A 20 -29.85 14.23 26.04
C GLY A 20 -30.54 14.43 27.37
N GLN A 21 -31.59 13.66 27.60
CA GLN A 21 -32.36 13.75 28.84
C GLN A 21 -31.83 12.80 29.93
N THR A 22 -30.78 12.04 29.58
CA THR A 22 -30.17 11.02 30.44
C THR A 22 -28.82 11.52 30.99
N ALA A 23 -28.66 11.44 32.31
CA ALA A 23 -27.41 11.81 32.98
C ALA A 23 -26.25 10.90 32.58
N GLY A 24 -25.04 11.46 32.59
CA GLY A 24 -23.85 10.71 32.23
C GLY A 24 -23.70 10.83 30.74
N GLY A 25 -22.45 10.80 30.29
CA GLY A 25 -22.18 11.08 28.90
C GLY A 25 -22.60 10.00 27.91
N PRO A 26 -22.39 10.29 26.63
CA PRO A 26 -22.73 9.36 25.55
C PRO A 26 -21.75 8.18 25.43
N THR A 27 -22.23 7.07 24.90
CA THR A 27 -21.38 5.99 24.41
C THR A 27 -20.95 6.31 22.98
N LEU A 28 -19.69 5.95 22.65
CA LEU A 28 -19.11 6.14 21.33
C LEU A 28 -18.96 4.77 20.68
N ILE A 29 -19.52 4.64 19.48
CA ILE A 29 -19.34 3.48 18.63
C ILE A 29 -18.31 3.77 17.55
N VAL A 30 -17.28 2.93 17.51
CA VAL A 30 -16.26 3.04 16.51
C VAL A 30 -16.48 1.91 15.48
N ALA A 31 -16.61 2.31 14.21
CA ALA A 31 -16.93 1.40 13.12
C ALA A 31 -16.11 1.74 11.88
N LEU A 32 -14.87 1.32 11.89
CA LEU A 32 -13.92 1.64 10.81
C LEU A 32 -13.87 0.43 9.86
N GLN A 33 -14.17 0.67 8.57
CA GLN A 33 -14.07 -0.36 7.52
C GLN A 33 -12.62 -0.50 7.09
N GLY A 34 -12.16 -1.73 6.88
CA GLY A 34 -10.87 -1.99 6.24
C GLY A 34 -9.99 -2.98 6.99
N TYR A 35 -10.44 -3.43 8.15
CA TYR A 35 -9.66 -4.35 9.00
C TYR A 35 -10.38 -5.67 9.20
N ALA A 36 -11.55 -5.66 9.85
CA ALA A 36 -12.29 -6.90 10.12
C ALA A 36 -13.71 -6.73 9.64
N ASP A 37 -13.89 -7.15 8.38
CA ASP A 37 -15.07 -6.86 7.60
C ASP A 37 -15.86 -8.12 7.16
N ALA A 38 -15.70 -9.26 7.85
CA ALA A 38 -16.45 -10.47 7.49
C ALA A 38 -17.94 -10.17 7.50
N GLY A 39 -18.67 -10.67 6.49
CA GLY A 39 -20.09 -10.40 6.38
C GLY A 39 -20.44 -8.97 6.02
N HIS A 40 -19.40 -8.14 5.74
CA HIS A 40 -19.53 -6.65 5.67
C HIS A 40 -20.25 -6.03 6.87
N ALA A 41 -20.13 -6.69 8.02
CA ALA A 41 -20.95 -6.38 9.20
C ALA A 41 -20.62 -5.07 9.93
N VAL A 42 -19.37 -4.61 9.86
CA VAL A 42 -18.95 -3.31 10.45
C VAL A 42 -19.55 -2.13 9.68
N GLU A 43 -19.37 -2.15 8.37
CA GLU A 43 -19.82 -1.08 7.51
C GLU A 43 -21.38 -1.08 7.44
N SER A 44 -21.99 -2.27 7.38
CA SER A 44 -23.45 -2.34 7.46
C SER A 44 -23.99 -1.88 8.82
N SER A 45 -23.20 -2.03 9.88
CA SER A 45 -23.62 -1.48 11.15
C SER A 45 -23.78 0.03 11.07
N SER A 46 -22.77 0.75 10.59
CA SER A 46 -22.89 2.21 10.60
C SER A 46 -23.91 2.74 9.63
N SER A 47 -23.95 2.16 8.44
CA SER A 47 -24.88 2.59 7.41
C SER A 47 -26.32 2.18 7.70
N HIS A 48 -26.53 1.02 8.35
CA HIS A 48 -27.90 0.73 8.79
C HIS A 48 -28.42 1.79 9.81
N LEU A 49 -27.60 2.12 10.80
CA LEU A 49 -28.01 3.18 11.75
C LEU A 49 -28.19 4.55 11.11
N MET A 50 -27.27 4.94 10.23
CA MET A 50 -27.33 6.23 9.56
C MET A 50 -28.58 6.37 8.67
N ASP A 51 -28.98 5.27 8.02
CA ASP A 51 -30.20 5.26 7.23
C ASP A 51 -31.48 5.34 8.05
N ALA A 52 -31.42 4.88 9.31
CA ALA A 52 -32.62 4.69 10.12
C ALA A 52 -32.85 5.86 11.09
N LEU A 53 -31.79 6.58 11.45
CA LEU A 53 -31.84 7.49 12.60
C LEU A 53 -31.37 8.90 12.24
N ASP A 54 -31.85 9.90 12.98
CA ASP A 54 -31.39 11.26 12.82
C ASP A 54 -29.94 11.25 13.22
N HIS A 55 -29.10 11.87 12.41
CA HIS A 55 -27.67 11.96 12.72
C HIS A 55 -27.15 13.33 12.28
N ARG A 56 -26.11 13.78 12.95
CA ARG A 56 -25.57 15.07 12.62
C ARG A 56 -24.05 15.02 12.71
N LEU A 57 -23.39 15.57 11.70
CA LEU A 57 -21.93 15.60 11.65
C LEU A 57 -21.28 16.56 12.66
N ILE A 58 -20.41 16.03 13.49
CA ILE A 58 -19.66 16.77 14.49
C ILE A 58 -18.24 17.11 13.96
N ALA A 59 -17.61 16.15 13.27
CA ALA A 59 -16.25 16.32 12.77
C ALA A 59 -15.92 15.40 11.59
N SER A 60 -15.24 15.92 10.59
CA SER A 60 -14.68 15.10 9.54
C SER A 60 -13.18 15.03 9.57
N PHE A 61 -12.65 13.85 9.42
CA PHE A 61 -11.22 13.68 9.38
C PHE A 61 -10.69 14.01 7.99
N ASN A 62 -9.46 14.51 7.94
CA ASN A 62 -8.79 14.90 6.72
C ASN A 62 -8.14 13.72 5.99
N ASN A 63 -8.78 13.21 4.95
CA ASN A 63 -8.27 12.06 4.19
C ASN A 63 -6.87 12.18 3.59
N ASP A 64 -6.44 13.39 3.25
CA ASP A 64 -5.08 13.63 2.79
C ASP A 64 -3.98 13.30 3.81
N GLU A 65 -4.32 13.49 5.09
CA GLU A 65 -3.47 13.08 6.18
C GLU A 65 -3.53 11.60 6.45
N LEU A 66 -4.65 10.93 6.10
CA LEU A 66 -4.99 9.58 6.64
C LEU A 66 -5.03 8.36 5.66
N ILE A 67 -5.08 8.67 4.36
CA ILE A 67 -5.49 7.72 3.33
C ILE A 67 -4.42 7.56 2.26
N ASP A 68 -4.16 6.31 1.96
CA ASP A 68 -3.38 5.90 0.78
C ASP A 68 -4.43 5.67 -0.29
N TYR A 69 -4.58 6.64 -1.18
CA TYR A 69 -5.67 6.63 -2.14
C TYR A 69 -5.55 5.56 -3.22
N ARG A 70 -4.32 5.27 -3.68
CA ARG A 70 -4.09 4.18 -4.65
C ARG A 70 -4.43 2.88 -4.01
N SER A 71 -4.41 2.77 -2.67
CA SER A 71 -4.94 1.51 -2.14
C SER A 71 -6.48 1.46 -1.94
N ARG A 72 -7.10 2.61 -1.70
CA ARG A 72 -8.54 2.64 -1.51
C ARG A 72 -9.33 2.88 -2.82
N ARG A 73 -8.79 3.72 -3.72
CA ARG A 73 -9.39 4.08 -5.05
C ARG A 73 -10.91 4.33 -4.90
N PRO A 74 -11.28 5.40 -4.16
CA PRO A 74 -12.68 5.70 -3.93
C PRO A 74 -13.47 5.89 -5.25
N VAL A 75 -14.59 5.18 -5.33
CA VAL A 75 -15.37 4.95 -6.53
C VAL A 75 -15.84 6.24 -7.21
N VAL A 76 -15.67 6.25 -8.52
CA VAL A 76 -16.06 7.32 -9.39
C VAL A 76 -17.23 6.84 -10.29
N VAL A 77 -18.24 7.69 -10.42
CA VAL A 77 -19.34 7.47 -11.37
C VAL A 77 -19.17 8.34 -12.63
N ILE A 78 -19.01 7.69 -13.76
CA ILE A 78 -19.09 8.37 -15.07
C ILE A 78 -20.45 8.06 -15.72
N GLU A 79 -21.22 9.11 -16.03
CA GLU A 79 -22.38 8.94 -16.93
C GLU A 79 -22.72 10.18 -17.74
N HIS A 80 -23.30 9.92 -18.93
CA HIS A 80 -23.53 10.94 -19.98
C HIS A 80 -22.18 11.54 -20.41
N ASN A 81 -21.21 10.63 -20.55
CA ASN A 81 -19.79 10.95 -20.80
C ASN A 81 -19.23 12.12 -19.99
N GLU A 82 -19.54 12.11 -18.70
CA GLU A 82 -19.06 13.11 -17.77
C GLU A 82 -18.73 12.46 -16.43
N VAL A 83 -17.74 13.01 -15.71
CA VAL A 83 -17.49 12.56 -14.35
C VAL A 83 -18.56 13.22 -13.47
N THR A 84 -19.47 12.43 -12.92
CA THR A 84 -20.53 13.04 -12.10
C THR A 84 -20.23 13.00 -10.61
N SER A 85 -19.50 11.96 -10.20
CA SER A 85 -19.51 11.54 -8.82
C SER A 85 -18.17 10.92 -8.43
N MET A 86 -17.64 11.31 -7.28
CA MET A 86 -16.53 10.58 -6.65
C MET A 86 -16.86 10.34 -5.15
N ASP A 87 -16.73 9.08 -4.69
CA ASP A 87 -16.90 8.76 -3.28
C ASP A 87 -15.93 9.57 -2.43
N GLU A 88 -16.49 10.25 -1.44
CA GLU A 88 -15.72 11.13 -0.61
C GLU A 88 -15.01 10.36 0.51
N LEU A 89 -15.42 9.10 0.70
CA LEU A 89 -14.87 8.23 1.74
C LEU A 89 -14.75 8.96 3.09
N ASN A 90 -15.85 9.58 3.53
CA ASN A 90 -15.88 10.35 4.76
C ASN A 90 -15.66 9.48 6.00
N LEU A 91 -14.74 9.95 6.82
CA LEU A 91 -14.44 9.42 8.11
C LEU A 91 -14.91 10.51 9.04
N GLY A 92 -15.97 10.22 9.76
CA GLY A 92 -16.68 11.26 10.45
C GLY A 92 -17.10 10.79 11.80
N LEU A 93 -17.11 11.75 12.73
CA LEU A 93 -17.76 11.59 14.02
C LEU A 93 -19.15 12.24 13.93
N HIS A 94 -20.18 11.45 14.25
CA HIS A 94 -21.56 11.87 14.23
C HIS A 94 -22.23 11.78 15.60
N VAL A 95 -23.21 12.65 15.82
CA VAL A 95 -24.18 12.44 16.89
C VAL A 95 -25.40 11.81 16.25
N VAL A 96 -25.78 10.63 16.76
CA VAL A 96 -26.94 9.87 16.29
C VAL A 96 -28.00 9.79 17.42
N ARG A 97 -29.28 9.83 17.08
CA ARG A 97 -30.39 9.77 18.05
C ARG A 97 -31.14 8.45 17.90
N ASP A 98 -31.36 7.77 19.02
CA ASP A 98 -32.09 6.51 18.95
C ASP A 98 -33.61 6.81 18.82
N ASN A 99 -34.47 5.79 18.92
CA ASN A 99 -35.92 5.99 18.75
C ASN A 99 -36.62 6.60 19.95
N ASP A 100 -35.89 6.81 21.04
CA ASP A 100 -36.39 7.67 22.11
C ASP A 100 -35.67 9.02 22.04
N ASN A 101 -34.91 9.23 20.97
CA ASN A 101 -34.11 10.45 20.85
C ASN A 101 -32.92 10.59 21.81
N LYS A 102 -32.48 9.47 22.36
CA LYS A 102 -31.28 9.44 23.21
C LYS A 102 -30.02 9.55 22.30
N PRO A 103 -29.12 10.52 22.55
CA PRO A 103 -27.91 10.65 21.72
C PRO A 103 -26.81 9.63 22.01
N PHE A 104 -26.15 9.15 20.97
CA PHE A 104 -24.88 8.47 21.14
C PHE A 104 -23.98 8.94 20.01
N LEU A 105 -22.71 8.60 20.10
CA LEU A 105 -21.73 9.07 19.13
C LEU A 105 -21.28 7.90 18.28
N MET A 106 -21.00 8.15 17.00
CA MET A 106 -20.43 7.14 16.10
C MET A 106 -19.31 7.69 15.24
N LEU A 107 -18.19 7.00 15.25
CA LEU A 107 -17.08 7.28 14.35
C LEU A 107 -17.09 6.19 13.28
N SER A 108 -17.30 6.57 12.02
CA SER A 108 -17.45 5.59 10.97
C SER A 108 -16.81 6.07 9.72
N GLY A 109 -16.50 5.10 8.85
CA GLY A 109 -15.80 5.37 7.60
C GLY A 109 -14.55 4.51 7.46
N PRO A 110 -13.63 4.91 6.56
CA PRO A 110 -12.45 4.10 6.32
C PRO A 110 -11.50 4.04 7.53
N GLU A 111 -11.05 2.84 7.93
CA GLU A 111 -9.90 2.76 8.80
C GLU A 111 -8.73 3.50 8.16
N PRO A 112 -8.11 4.45 8.88
CA PRO A 112 -6.97 5.13 8.24
C PRO A 112 -5.82 4.23 7.78
N ASP A 113 -5.23 4.54 6.62
CA ASP A 113 -3.93 3.91 6.30
C ASP A 113 -2.77 4.48 7.11
N LEU A 114 -2.83 5.78 7.41
CA LEU A 114 -1.63 6.51 7.86
C LEU A 114 -1.92 7.15 9.21
N ARG A 115 -0.84 7.48 9.94
CA ARG A 115 -0.90 8.37 11.13
C ARG A 115 -1.71 7.83 12.28
N TRP A 116 -1.59 6.55 12.56
CA TRP A 116 -2.36 5.91 13.62
C TRP A 116 -2.18 6.58 14.98
N GLY A 117 -0.95 7.02 15.30
CA GLY A 117 -0.66 7.70 16.55
C GLY A 117 -1.45 8.99 16.64
N ASP A 118 -1.31 9.87 15.65
CA ASP A 118 -2.07 11.12 15.58
C ASP A 118 -3.57 10.91 15.56
N PHE A 119 -4.01 9.98 14.72
CA PHE A 119 -5.41 9.62 14.63
C PHE A 119 -6.00 9.22 15.99
N SER A 120 -5.32 8.35 16.73
CA SER A 120 -5.88 7.91 18.02
C SER A 120 -5.80 8.96 19.12
N ASN A 121 -4.70 9.74 19.18
CA ASN A 121 -4.69 10.95 20.00
C ASN A 121 -5.88 11.89 19.70
N ALA A 122 -6.18 12.17 18.42
CA ALA A 122 -7.35 12.99 18.00
C ALA A 122 -8.67 12.43 18.48
N VAL A 123 -8.83 11.12 18.35
CA VAL A 123 -10.04 10.49 18.84
C VAL A 123 -10.18 10.62 20.36
N VAL A 124 -9.10 10.37 21.11
CA VAL A 124 -9.13 10.60 22.57
C VAL A 124 -9.51 12.06 22.96
N ASP A 125 -9.00 13.03 22.20
CA ASP A 125 -9.36 14.42 22.36
C ASP A 125 -10.88 14.64 22.24
N LEU A 126 -11.49 14.07 21.21
CA LEU A 126 -12.92 14.17 20.96
C LEU A 126 -13.74 13.43 22.00
N VAL A 127 -13.23 12.29 22.47
CA VAL A 127 -13.82 11.55 23.56
C VAL A 127 -13.94 12.45 24.83
N GLU A 128 -12.86 13.12 25.18
CA GLU A 128 -12.82 14.05 26.30
C GLU A 128 -13.68 15.29 26.06
N LYS A 129 -13.53 15.93 24.91
CA LYS A 129 -14.34 17.10 24.59
C LYS A 129 -15.88 16.90 24.71
N PHE A 130 -16.36 15.71 24.40
CA PHE A 130 -17.78 15.39 24.41
C PHE A 130 -18.23 14.53 25.58
N GLY A 131 -17.32 14.31 26.53
CA GLY A 131 -17.65 13.59 27.74
C GLY A 131 -18.14 12.17 27.50
N VAL A 132 -17.61 11.50 26.46
CA VAL A 132 -17.88 10.09 26.22
C VAL A 132 -17.60 9.28 27.47
N GLU A 133 -18.56 8.47 27.88
CA GLU A 133 -18.31 7.61 29.03
C GLU A 133 -17.85 6.18 28.75
N ASN A 134 -18.06 5.71 27.50
CA ASN A 134 -17.68 4.36 27.09
C ASN A 134 -17.49 4.36 25.58
N THR A 135 -16.47 3.64 25.11
CA THR A 135 -16.18 3.52 23.69
C THR A 135 -16.23 2.03 23.38
N ILE A 136 -17.03 1.69 22.35
CA ILE A 136 -17.10 0.31 21.82
C ILE A 136 -16.63 0.30 20.35
N CYS A 137 -15.62 -0.51 20.06
CA CYS A 137 -15.16 -0.74 18.69
C CYS A 137 -15.70 -2.04 18.08
N LEU A 138 -16.05 -1.99 16.79
CA LEU A 138 -16.67 -3.14 16.10
C LEU A 138 -15.73 -3.90 15.16
N TYR A 139 -15.81 -5.24 15.25
CA TYR A 139 -15.03 -6.18 14.45
C TYR A 139 -15.91 -7.31 13.97
N ALA A 140 -15.67 -7.75 12.73
CA ALA A 140 -16.31 -8.93 12.16
C ALA A 140 -15.26 -9.90 11.63
N ALA A 141 -15.20 -11.09 12.24
CA ALA A 141 -14.13 -12.05 11.94
C ALA A 141 -14.63 -13.33 11.25
N PRO A 142 -13.90 -13.78 10.20
CA PRO A 142 -14.20 -15.09 9.62
C PRO A 142 -13.86 -16.19 10.61
N MET A 143 -14.82 -17.06 10.91
CA MET A 143 -14.63 -18.11 11.90
C MET A 143 -15.20 -19.46 11.43
N THR A 144 -14.71 -20.54 12.03
CA THR A 144 -15.19 -21.87 11.74
C THR A 144 -16.50 -22.09 12.49
N VAL A 145 -17.55 -21.44 12.00
CA VAL A 145 -18.93 -21.65 12.47
C VAL A 145 -19.85 -21.85 11.25
N PRO A 146 -20.94 -22.63 11.42
CA PRO A 146 -21.90 -22.79 10.31
C PRO A 146 -22.93 -21.66 10.29
N HIS A 147 -23.54 -21.41 9.14
CA HIS A 147 -24.66 -20.44 9.06
C HIS A 147 -25.98 -20.95 9.67
N THR A 148 -25.95 -22.19 10.15
CA THR A 148 -27.15 -22.86 10.65
C THR A 148 -27.29 -22.67 12.16
N ARG A 149 -26.34 -21.95 12.75
CA ARG A 149 -26.32 -21.74 14.20
C ARG A 149 -26.22 -20.28 14.57
N PRO A 150 -26.66 -19.89 15.80
CA PRO A 150 -26.67 -18.46 16.16
C PRO A 150 -25.30 -17.80 16.08
N THR A 151 -25.29 -16.57 15.56
CA THR A 151 -24.10 -15.75 15.47
C THR A 151 -23.71 -15.30 16.88
N VAL A 152 -22.42 -15.46 17.17
CA VAL A 152 -21.84 -15.22 18.46
C VAL A 152 -20.97 -13.94 18.46
N VAL A 153 -20.97 -13.21 19.58
CA VAL A 153 -20.06 -12.08 19.78
C VAL A 153 -19.13 -12.36 20.96
N THR A 154 -17.85 -12.09 20.77
CA THR A 154 -16.93 -12.03 21.90
C THR A 154 -16.57 -10.56 22.20
N ALA A 155 -16.27 -10.29 23.47
CA ALA A 155 -15.89 -8.96 23.92
C ALA A 155 -14.56 -9.00 24.70
N HIS A 156 -13.72 -8.02 24.43
CA HIS A 156 -12.51 -7.77 25.19
C HIS A 156 -12.49 -6.26 25.56
N GLY A 157 -11.77 -5.92 26.64
CA GLY A 157 -11.72 -4.58 27.17
C GLY A 157 -12.10 -4.55 28.64
N ASN A 158 -12.42 -3.35 29.13
CA ASN A 158 -12.67 -3.17 30.53
C ASN A 158 -14.12 -2.77 30.90
N SER A 159 -15.01 -2.76 29.91
CA SER A 159 -16.45 -2.42 30.11
C SER A 159 -17.29 -3.55 29.53
N THR A 160 -16.64 -4.68 29.39
CA THR A 160 -17.18 -5.91 28.87
C THR A 160 -18.50 -6.40 29.51
N ASP A 161 -18.72 -6.10 30.79
CA ASP A 161 -19.83 -6.66 31.55
C ASP A 161 -21.16 -6.05 31.19
N ARG A 162 -21.09 -4.88 30.57
CA ARG A 162 -22.27 -4.19 30.01
C ARG A 162 -22.99 -5.05 28.97
N LEU A 163 -22.24 -5.96 28.37
CA LEU A 163 -22.81 -6.84 27.37
C LEU A 163 -23.17 -8.20 27.99
N LYS A 164 -24.45 -8.38 28.28
CA LYS A 164 -24.98 -9.64 28.82
C LYS A 164 -24.67 -10.89 27.97
N ASP A 165 -25.04 -10.82 26.69
CA ASP A 165 -24.97 -11.97 25.80
C ASP A 165 -23.70 -11.94 24.93
N GLN A 166 -22.71 -12.71 25.38
CA GLN A 166 -21.36 -12.75 24.79
C GLN A 166 -20.69 -14.03 25.28
N VAL A 167 -19.92 -14.69 24.41
CA VAL A 167 -19.27 -15.93 24.84
C VAL A 167 -17.87 -15.71 25.45
N SER A 168 -17.26 -14.56 25.18
CA SER A 168 -16.16 -14.08 26.03
C SER A 168 -16.56 -14.19 27.54
N LEU A 169 -15.56 -14.31 28.42
CA LEU A 169 -14.24 -13.80 28.13
C LEU A 169 -13.32 -14.91 27.60
N ASP A 170 -12.02 -14.62 27.55
CA ASP A 170 -11.09 -15.45 26.79
C ASP A 170 -9.64 -15.04 27.07
N THR A 171 -8.72 -15.52 26.24
CA THR A 171 -7.33 -15.66 26.63
C THR A 171 -6.42 -15.78 25.41
N ARG A 172 -5.12 -15.96 25.66
CA ARG A 172 -4.10 -15.11 25.05
C ARG A 172 -4.07 -15.25 23.52
N MET A 173 -4.19 -14.13 22.81
CA MET A 173 -4.04 -14.16 21.35
C MET A 173 -3.29 -12.96 20.74
N THR A 174 -2.75 -13.21 19.55
CA THR A 174 -1.93 -12.29 18.81
C THR A 174 -2.65 -12.04 17.51
N VAL A 175 -3.00 -10.78 17.22
CA VAL A 175 -3.71 -10.43 15.96
C VAL A 175 -2.96 -9.32 15.21
N PRO A 176 -3.12 -9.23 13.88
CA PRO A 176 -2.52 -8.03 13.28
C PRO A 176 -3.19 -6.77 13.85
N GLY A 177 -2.40 -5.71 13.98
CA GLY A 177 -2.89 -4.49 14.58
C GLY A 177 -3.81 -3.68 13.69
N SER A 178 -4.63 -2.82 14.30
CA SER A 178 -5.53 -1.96 13.59
C SER A 178 -5.53 -0.61 14.26
N ALA A 179 -6.01 0.43 13.55
CA ALA A 179 -6.21 1.74 14.15
C ALA A 179 -7.14 1.74 15.39
N SER A 180 -8.23 0.96 15.35
CA SER A 180 -9.12 0.83 16.52
C SER A 180 -8.45 0.10 17.71
N LEU A 181 -7.55 -0.85 17.41
CA LEU A 181 -6.83 -1.53 18.47
C LEU A 181 -5.83 -0.61 19.18
N MET A 182 -5.12 0.22 18.40
CA MET A 182 -4.26 1.26 18.97
C MET A 182 -5.09 2.19 19.86
N LEU A 183 -6.26 2.59 19.38
CA LEU A 183 -7.12 3.50 20.12
C LEU A 183 -7.60 2.84 21.42
N GLU A 184 -8.04 1.57 21.35
CA GLU A 184 -8.46 0.82 22.56
C GLU A 184 -7.36 0.82 23.60
N LYS A 185 -6.15 0.54 23.15
CA LYS A 185 -5.02 0.50 24.03
C LYS A 185 -4.74 1.85 24.69
N LEU A 186 -4.81 2.92 23.90
CA LEU A 186 -4.63 4.28 24.40
C LEU A 186 -5.71 4.67 25.39
N LEU A 187 -6.96 4.33 25.08
CA LEU A 187 -8.05 4.59 26.02
C LEU A 187 -7.86 3.81 27.34
N LYS A 188 -7.42 2.57 27.20
CA LYS A 188 -7.11 1.74 28.38
C LYS A 188 -5.99 2.42 29.19
N ASP A 189 -4.90 2.80 28.52
CA ASP A 189 -3.77 3.43 29.21
C ASP A 189 -4.08 4.79 29.86
N LYS A 190 -5.15 5.46 29.42
CA LYS A 190 -5.56 6.75 29.99
C LYS A 190 -6.66 6.61 31.05
N GLY A 191 -6.97 5.38 31.42
CA GLY A 191 -7.96 5.14 32.46
C GLY A 191 -9.37 5.37 32.02
N LYS A 192 -9.68 5.03 30.77
CA LYS A 192 -11.06 5.19 30.21
C LYS A 192 -11.72 3.87 30.01
N ASN A 193 -13.04 3.94 29.85
CA ASN A 193 -13.86 2.76 29.53
C ASN A 193 -13.81 2.48 28.05
N VAL A 194 -13.43 1.25 27.71
CA VAL A 194 -13.41 0.82 26.32
C VAL A 194 -13.56 -0.72 26.16
N SER A 195 -14.37 -1.15 25.21
CA SER A 195 -14.48 -2.55 24.77
C SER A 195 -14.40 -2.68 23.22
N GLY A 196 -14.06 -3.89 22.76
CA GLY A 196 -14.17 -4.30 21.38
C GLY A 196 -15.06 -5.51 21.28
N TYR A 197 -16.00 -5.48 20.32
CA TYR A 197 -16.99 -6.56 20.10
C TYR A 197 -16.70 -7.19 18.76
N THR A 198 -16.51 -8.50 18.75
CA THR A 198 -16.14 -9.20 17.54
C THR A 198 -17.23 -10.22 17.27
N VAL A 199 -17.89 -10.03 16.13
CA VAL A 199 -18.90 -10.97 15.65
C VAL A 199 -18.23 -12.13 14.82
N HIS A 200 -18.69 -13.36 15.09
CA HIS A 200 -18.09 -14.56 14.47
C HIS A 200 -18.93 -14.93 13.28
N VAL A 201 -18.32 -14.86 12.10
CA VAL A 201 -19.02 -15.03 10.82
C VAL A 201 -18.45 -16.25 10.08
N PRO A 202 -19.33 -17.18 9.63
CA PRO A 202 -18.93 -18.38 8.87
C PRO A 202 -17.92 -18.01 7.80
N HIS A 203 -16.72 -18.57 7.89
CA HIS A 203 -15.63 -18.24 6.94
C HIS A 203 -16.05 -18.37 5.47
N TYR A 204 -16.89 -19.38 5.15
CA TYR A 204 -17.28 -19.64 3.75
C TYR A 204 -18.30 -18.62 3.19
N VAL A 205 -18.88 -17.83 4.10
CA VAL A 205 -19.87 -16.80 3.79
C VAL A 205 -19.29 -15.34 3.91
N SER A 206 -18.07 -15.23 4.45
CA SER A 206 -17.46 -13.95 4.87
C SER A 206 -17.24 -12.83 3.85
N ALA A 207 -17.05 -13.24 2.59
CA ALA A 207 -16.80 -12.29 1.52
C ALA A 207 -18.07 -11.60 1.04
N SER A 208 -19.23 -12.10 1.50
CA SER A 208 -20.54 -11.56 1.13
C SER A 208 -21.29 -11.01 2.36
N PRO A 209 -22.31 -10.15 2.12
CA PRO A 209 -23.10 -9.66 3.25
C PRO A 209 -23.70 -10.77 4.08
N TYR A 210 -23.54 -10.67 5.39
CA TYR A 210 -24.15 -11.59 6.33
C TYR A 210 -24.88 -10.81 7.42
N PRO A 211 -26.15 -10.41 7.13
CA PRO A 211 -26.90 -9.48 7.98
C PRO A 211 -27.05 -9.95 9.40
N ALA A 212 -27.10 -11.27 9.61
CA ALA A 212 -27.20 -11.84 10.96
C ALA A 212 -26.04 -11.33 11.84
N ALA A 213 -24.85 -11.16 11.23
CA ALA A 213 -23.66 -10.59 11.91
C ALA A 213 -23.87 -9.11 12.32
N THR A 214 -24.32 -8.30 11.35
CA THR A 214 -24.72 -6.91 11.59
C THR A 214 -25.72 -6.80 12.71
N LEU A 215 -26.79 -7.59 12.62
CA LEU A 215 -27.84 -7.64 13.63
C LEU A 215 -27.23 -7.93 15.03
N LYS A 216 -26.46 -9.01 15.14
CA LYS A 216 -25.76 -9.32 16.42
C LYS A 216 -24.88 -8.17 16.94
N LEU A 217 -24.13 -7.53 16.06
CA LEU A 217 -23.39 -6.34 16.48
C LEU A 217 -24.25 -5.22 17.08
N LEU A 218 -25.31 -4.85 16.36
CA LEU A 218 -26.18 -3.74 16.77
C LEU A 218 -27.03 -4.05 17.99
N GLN A 219 -27.43 -5.32 18.13
CA GLN A 219 -28.06 -5.78 19.37
C GLN A 219 -27.13 -5.69 20.58
N SER A 220 -25.87 -6.05 20.38
CA SER A 220 -24.87 -5.93 21.43
C SER A 220 -24.73 -4.49 21.93
N ILE A 221 -24.72 -3.55 20.98
CA ILE A 221 -24.64 -2.13 21.27
C ILE A 221 -25.90 -1.64 22.01
N ALA A 222 -27.06 -2.05 21.47
CA ALA A 222 -28.37 -1.66 22.03
C ALA A 222 -28.47 -2.06 23.48
N ASP A 223 -28.09 -3.29 23.78
CA ASP A 223 -28.09 -3.79 25.16
C ASP A 223 -27.09 -3.02 26.03
N SER A 224 -25.85 -2.90 25.56
CA SER A 224 -24.82 -2.34 26.43
C SER A 224 -24.75 -0.81 26.52
N ALA A 225 -25.34 -0.09 25.56
CA ALA A 225 -25.42 1.37 25.67
C ALA A 225 -26.82 1.80 26.08
N ASP A 226 -27.71 0.82 26.22
CA ASP A 226 -29.11 1.10 26.54
C ASP A 226 -29.72 2.09 25.52
N LEU A 227 -29.72 1.65 24.26
CA LEU A 227 -30.25 2.41 23.13
C LEU A 227 -31.43 1.66 22.52
N ASN A 228 -32.41 2.40 22.05
CA ASN A 228 -33.57 1.81 21.40
C ASN A 228 -33.31 1.90 19.89
N LEU A 229 -32.76 0.83 19.33
CA LEU A 229 -32.36 0.83 17.93
C LEU A 229 -33.33 0.01 17.11
N PRO A 230 -33.67 0.51 15.90
CA PRO A 230 -34.62 -0.19 15.02
C PRO A 230 -33.86 -1.21 14.20
N LEU A 231 -34.14 -2.49 14.45
CA LEU A 231 -33.32 -3.56 13.89
C LEU A 231 -34.07 -4.59 13.07
N LEU A 232 -35.39 -4.40 12.96
CA LEU A 232 -36.27 -5.35 12.29
C LEU A 232 -35.91 -5.58 10.84
N ALA A 233 -35.49 -4.54 10.13
CA ALA A 233 -35.13 -4.71 8.72
C ALA A 233 -33.93 -5.65 8.53
N LEU A 234 -33.08 -5.78 9.55
CA LEU A 234 -31.96 -6.72 9.51
C LEU A 234 -32.41 -8.16 9.76
N GLU A 235 -33.46 -8.34 10.57
CA GLU A 235 -34.10 -9.65 10.73
C GLU A 235 -34.68 -10.13 9.39
N ARG A 236 -35.30 -9.23 8.66
CA ARG A 236 -35.77 -9.62 7.35
C ARG A 236 -34.67 -9.83 6.29
N ASP A 237 -33.64 -8.98 6.27
CA ASP A 237 -32.43 -9.28 5.51
C ASP A 237 -31.75 -10.59 5.94
N ALA A 238 -31.76 -10.91 7.23
CA ALA A 238 -31.16 -12.16 7.69
C ALA A 238 -31.94 -13.38 7.16
N GLU A 239 -33.27 -13.28 7.13
CA GLU A 239 -34.12 -14.33 6.59
C GLU A 239 -33.85 -14.62 5.11
N LYS A 240 -33.76 -13.55 4.32
CA LYS A 240 -33.55 -13.66 2.90
C LYS A 240 -32.24 -14.37 2.59
N VAL A 241 -31.18 -13.97 3.30
CA VAL A 241 -29.85 -14.48 3.09
C VAL A 241 -29.75 -15.95 3.58
N HIS A 242 -30.49 -16.29 4.63
CA HIS A 242 -30.48 -17.63 5.18
C HIS A 242 -31.12 -18.64 4.20
N ARG A 243 -32.30 -18.29 3.68
CA ARG A 243 -32.99 -19.09 2.67
C ARG A 243 -32.10 -19.35 1.45
N GLN A 244 -31.51 -18.28 0.92
CA GLN A 244 -30.54 -18.36 -0.17
C GLN A 244 -29.37 -19.33 0.12
N LEU A 245 -28.96 -19.40 1.38
CA LEU A 245 -27.91 -20.29 1.83
C LEU A 245 -28.45 -21.70 2.06
N MET A 246 -29.69 -21.80 2.54
CA MET A 246 -30.32 -23.11 2.69
C MET A 246 -30.52 -23.80 1.35
N GLU A 247 -30.85 -23.04 0.31
CA GLU A 247 -30.99 -23.56 -1.05
C GLU A 247 -29.63 -24.05 -1.56
N GLN A 248 -28.62 -23.19 -1.43
CA GLN A 248 -27.27 -23.49 -1.87
C GLN A 248 -26.67 -24.72 -1.18
N THR A 249 -27.23 -25.09 -0.02
CA THR A 249 -26.73 -26.21 0.79
C THR A 249 -27.32 -27.57 0.38
N GLU A 250 -28.47 -27.56 -0.31
CA GLU A 250 -29.10 -28.81 -0.74
C GLU A 250 -28.91 -29.09 -2.23
N GLU A 251 -28.52 -28.05 -2.97
CA GLU A 251 -28.09 -28.20 -4.36
C GLU A 251 -26.69 -28.85 -4.40
N SER A 252 -25.90 -28.62 -3.36
CA SER A 252 -24.55 -29.16 -3.26
C SER A 252 -24.35 -30.06 -2.01
N SER A 253 -23.84 -31.26 -2.26
CA SER A 253 -23.70 -32.31 -1.22
C SER A 253 -22.35 -32.24 -0.50
N GLU A 254 -21.35 -31.65 -1.16
CA GLU A 254 -20.08 -31.37 -0.49
C GLU A 254 -20.30 -30.26 0.56
N ILE A 255 -21.05 -29.23 0.17
CA ILE A 255 -21.41 -28.12 1.08
C ILE A 255 -22.10 -28.62 2.35
N GLN A 256 -22.95 -29.64 2.20
CA GLN A 256 -23.68 -30.22 3.31
C GLN A 256 -22.77 -30.90 4.34
N ARG A 257 -21.70 -31.56 3.87
CA ARG A 257 -20.76 -32.24 4.78
C ARG A 257 -19.98 -31.21 5.58
N VAL A 258 -19.49 -30.20 4.89
CA VAL A 258 -18.74 -29.07 5.47
C VAL A 258 -19.58 -28.36 6.54
N VAL A 259 -20.86 -28.12 6.23
CA VAL A 259 -21.81 -27.52 7.18
C VAL A 259 -22.13 -28.46 8.33
N GLY A 260 -22.36 -29.74 8.02
CA GLY A 260 -22.67 -30.76 9.01
C GLY A 260 -21.57 -30.98 10.03
N ALA A 261 -20.32 -30.95 9.55
CA ALA A 261 -19.13 -31.02 10.41
C ALA A 261 -19.06 -29.84 11.38
N LEU A 262 -19.12 -28.63 10.82
CA LEU A 262 -19.13 -27.39 11.62
C LEU A 262 -20.26 -27.36 12.64
N GLU A 263 -21.42 -27.87 12.25
CA GLU A 263 -22.60 -27.94 13.12
C GLU A 263 -22.29 -28.71 14.39
N GLN A 264 -21.59 -29.83 14.26
CA GLN A 264 -21.26 -30.64 15.43
C GLN A 264 -20.12 -30.03 16.23
N GLN A 265 -19.09 -29.55 15.54
CA GLN A 265 -18.01 -28.78 16.18
C GLN A 265 -18.58 -27.67 17.08
N TYR A 266 -19.52 -26.90 16.52
CA TYR A 266 -20.27 -25.87 17.24
C TYR A 266 -21.05 -26.43 18.44
N ASP A 267 -22.07 -27.25 18.18
CA ASP A 267 -22.99 -27.80 19.19
C ASP A 267 -22.29 -28.55 20.33
N SER A 268 -21.21 -29.26 19.98
CA SER A 268 -20.34 -29.89 20.96
C SER A 268 -19.82 -28.82 21.93
N GLU A 269 -18.86 -28.01 21.47
CA GLU A 269 -18.23 -26.94 22.28
C GLU A 269 -19.21 -25.92 22.88
N LEU A 270 -20.42 -25.86 22.33
CA LEU A 270 -21.52 -25.07 22.89
C LEU A 270 -21.92 -25.60 24.27
N GLU A 271 -21.99 -26.93 24.38
CA GLU A 271 -22.26 -27.62 25.64
C GLU A 271 -20.94 -27.95 26.35
N ARG A 272 -20.12 -28.76 25.68
CA ARG A 272 -18.82 -29.24 26.18
C ARG A 272 -18.04 -28.20 26.98
N TYR A 273 -17.97 -26.97 26.49
CA TYR A 273 -17.26 -25.88 27.18
C TYR A 273 -18.18 -24.70 27.54
N ARG A 274 -18.85 -24.80 28.68
CA ARG A 274 -19.78 -23.78 29.15
C ARG A 274 -20.04 -23.87 30.66
N MET B 8 3.66 20.98 -2.29
CA MET B 8 3.33 19.90 -3.27
C MET B 8 4.32 19.81 -4.46
N TYR B 9 4.87 20.95 -4.89
CA TYR B 9 5.82 20.99 -5.99
C TYR B 9 6.75 22.19 -5.85
N GLU B 10 7.81 22.19 -6.66
CA GLU B 10 8.76 23.27 -6.75
C GLU B 10 8.76 23.78 -8.20
N LEU B 11 8.68 25.09 -8.39
CA LEU B 11 8.85 25.63 -9.75
C LEU B 11 10.30 25.66 -10.14
N GLU B 12 10.56 25.25 -11.36
CA GLU B 12 11.94 25.27 -11.84
C GLU B 12 12.45 26.72 -12.02
N TYR B 13 13.71 26.92 -11.66
CA TYR B 13 14.35 28.22 -11.76
C TYR B 13 15.65 28.07 -12.53
N PRO B 14 15.89 28.91 -13.57
CA PRO B 14 14.99 29.98 -14.04
C PRO B 14 13.82 29.39 -14.82
N SER B 15 12.65 29.99 -14.70
CA SER B 15 11.47 29.37 -15.28
C SER B 15 11.54 29.37 -16.83
N PRO B 16 11.03 28.31 -17.49
CA PRO B 16 10.98 28.38 -18.95
C PRO B 16 9.85 29.29 -19.43
N GLU B 17 10.11 30.00 -20.52
CA GLU B 17 9.16 30.93 -21.11
C GLU B 17 8.35 30.12 -22.10
N VAL B 18 7.10 29.85 -21.73
CA VAL B 18 6.18 28.91 -22.42
C VAL B 18 5.35 29.53 -23.57
N SER B 19 5.69 30.73 -24.01
CA SER B 19 4.96 31.34 -25.14
C SER B 19 5.35 30.64 -26.47
N GLY B 20 4.49 30.70 -27.50
CA GLY B 20 3.25 31.49 -27.48
C GLY B 20 3.27 32.64 -28.49
N GLN B 21 3.01 32.28 -29.75
CA GLN B 21 2.67 33.24 -30.82
C GLN B 21 2.30 32.55 -32.15
N THR B 22 1.66 31.37 -32.18
CA THR B 22 0.84 30.69 -31.13
C THR B 22 0.11 31.54 -30.09
N ALA B 23 -0.87 32.32 -30.55
CA ALA B 23 -1.79 33.04 -29.66
C ALA B 23 -2.79 32.07 -28.97
N GLY B 24 -3.14 32.36 -27.72
CA GLY B 24 -4.02 31.48 -26.93
C GLY B 24 -3.23 30.54 -26.02
N GLY B 25 -3.95 29.89 -25.09
CA GLY B 25 -3.30 29.08 -24.07
C GLY B 25 -3.03 27.64 -24.49
N PRO B 26 -1.96 27.03 -23.96
CA PRO B 26 -1.67 25.63 -24.27
C PRO B 26 -2.71 24.65 -23.70
N THR B 27 -2.73 23.46 -24.26
CA THR B 27 -3.46 22.39 -23.60
C THR B 27 -2.49 21.56 -22.73
N LEU B 28 -3.02 21.03 -21.64
CA LEU B 28 -2.25 20.17 -20.77
C LEU B 28 -2.62 18.72 -21.04
N ILE B 29 -1.60 17.89 -21.18
CA ILE B 29 -1.73 16.44 -21.24
C ILE B 29 -1.32 15.82 -19.91
N VAL B 30 -2.20 15.00 -19.36
CA VAL B 30 -1.96 14.35 -18.12
C VAL B 30 -1.77 12.86 -18.43
N ALA B 31 -0.54 12.39 -18.24
CA ALA B 31 -0.15 10.98 -18.44
C ALA B 31 0.42 10.37 -17.15
N LEU B 32 -0.44 9.86 -16.26
CA LEU B 32 0.01 9.31 -14.95
C LEU B 32 0.02 7.80 -14.97
N GLN B 33 1.18 7.24 -14.64
CA GLN B 33 1.37 5.80 -14.67
C GLN B 33 0.93 5.22 -13.29
N GLY B 34 0.23 4.11 -13.30
CA GLY B 34 -0.16 3.45 -12.05
C GLY B 34 -1.62 3.11 -11.90
N TYR B 35 -2.42 3.59 -12.84
CA TYR B 35 -3.86 3.40 -12.80
C TYR B 35 -4.41 2.58 -13.96
N ALA B 36 -4.33 3.13 -15.18
CA ALA B 36 -4.88 2.48 -16.37
C ALA B 36 -3.77 2.30 -17.40
N ASP B 37 -3.04 1.21 -17.29
CA ASP B 37 -1.79 1.05 -18.05
C ASP B 37 -1.77 -0.13 -19.05
N ALA B 38 -2.95 -0.55 -19.52
CA ALA B 38 -3.06 -1.62 -20.52
C ALA B 38 -2.15 -1.34 -21.74
N GLY B 39 -1.33 -2.32 -22.10
CA GLY B 39 -0.39 -2.17 -23.22
C GLY B 39 0.72 -1.15 -22.97
N HIS B 40 0.78 -0.65 -21.72
CA HIS B 40 1.80 0.30 -21.27
C HIS B 40 1.66 1.61 -22.00
N ALA B 41 0.43 1.91 -22.43
CA ALA B 41 0.21 2.94 -23.43
C ALA B 41 0.25 4.38 -22.92
N VAL B 42 -0.01 4.56 -21.62
CA VAL B 42 0.08 5.90 -21.01
C VAL B 42 1.55 6.32 -20.84
N GLU B 43 2.34 5.46 -20.21
CA GLU B 43 3.74 5.73 -19.98
C GLU B 43 4.48 5.81 -21.33
N SER B 44 4.09 4.97 -22.30
CA SER B 44 4.73 5.03 -23.62
C SER B 44 4.48 6.33 -24.38
N SER B 45 3.27 6.86 -24.26
CA SER B 45 2.92 8.11 -24.87
C SER B 45 3.83 9.23 -24.37
N SER B 46 3.94 9.37 -23.06
CA SER B 46 4.73 10.46 -22.50
C SER B 46 6.22 10.23 -22.75
N SER B 47 6.68 9.01 -22.58
CA SER B 47 8.08 8.78 -22.81
C SER B 47 8.48 8.89 -24.30
N HIS B 48 7.55 8.58 -25.21
CA HIS B 48 7.80 8.79 -26.63
C HIS B 48 7.99 10.30 -27.00
N LEU B 49 7.10 11.13 -26.49
CA LEU B 49 7.14 12.57 -26.69
C LEU B 49 8.40 13.13 -26.09
N MET B 50 8.77 12.63 -24.92
CA MET B 50 9.97 13.10 -24.26
C MET B 50 11.27 12.81 -25.03
N ASP B 51 11.37 11.60 -25.58
CA ASP B 51 12.52 11.19 -26.35
C ASP B 51 12.59 11.89 -27.71
N ALA B 52 11.42 12.19 -28.27
CA ALA B 52 11.31 12.62 -29.65
C ALA B 52 11.28 14.14 -29.83
N LEU B 53 10.78 14.87 -28.83
CA LEU B 53 10.56 16.31 -28.95
C LEU B 53 11.37 17.11 -27.94
N ASP B 54 11.64 18.38 -28.24
CA ASP B 54 12.26 19.26 -27.23
C ASP B 54 11.28 19.55 -26.10
N HIS B 55 11.78 19.47 -24.87
CA HIS B 55 10.99 19.68 -23.65
C HIS B 55 11.83 20.41 -22.59
N ARG B 56 11.18 21.23 -21.76
CA ARG B 56 11.85 21.91 -20.67
C ARG B 56 11.00 21.69 -19.42
N LEU B 57 11.66 21.31 -18.31
CA LEU B 57 11.00 21.13 -17.01
C LEU B 57 10.47 22.45 -16.40
N ILE B 58 9.20 22.47 -16.05
CA ILE B 58 8.57 23.64 -15.43
C ILE B 58 8.45 23.51 -13.90
N ALA B 59 7.93 22.36 -13.44
CA ALA B 59 7.69 22.09 -12.03
C ALA B 59 7.95 20.64 -11.72
N SER B 60 8.48 20.38 -10.53
CA SER B 60 8.67 19.02 -10.03
C SER B 60 7.88 18.84 -8.76
N PHE B 61 7.07 17.81 -8.75
CA PHE B 61 6.39 17.43 -7.54
C PHE B 61 7.32 16.71 -6.54
N ASN B 62 7.01 16.91 -5.26
CA ASN B 62 7.73 16.28 -4.16
C ASN B 62 7.17 14.89 -3.90
N ASN B 63 7.96 13.90 -4.25
CA ASN B 63 7.63 12.48 -3.99
C ASN B 63 7.49 12.09 -2.49
N ASP B 64 8.13 12.82 -1.60
CA ASP B 64 7.96 12.58 -0.16
C ASP B 64 6.53 12.87 0.30
N GLU B 65 5.87 13.80 -0.39
CA GLU B 65 4.47 14.11 -0.07
C GLU B 65 3.50 13.14 -0.75
N LEU B 66 3.94 12.47 -1.83
CA LEU B 66 3.04 11.91 -2.83
C LEU B 66 3.10 10.41 -3.02
N ILE B 67 4.24 9.80 -2.69
CA ILE B 67 4.54 8.40 -3.05
C ILE B 67 4.71 7.48 -1.81
N ASP B 68 4.12 6.29 -1.91
CA ASP B 68 4.42 5.18 -1.00
C ASP B 68 5.58 4.43 -1.65
N TYR B 69 6.78 4.63 -1.15
CA TYR B 69 7.96 4.13 -1.87
C TYR B 69 8.09 2.62 -1.76
N ARG B 70 7.53 2.03 -0.70
CA ARG B 70 7.54 0.58 -0.58
C ARG B 70 6.57 -0.09 -1.57
N SER B 71 5.51 0.61 -1.95
CA SER B 71 4.72 0.13 -3.12
C SER B 71 5.43 0.31 -4.48
N ARG B 72 6.14 1.42 -4.69
CA ARG B 72 6.75 1.68 -6.00
C ARG B 72 8.16 1.11 -6.17
N ARG B 73 9.00 1.25 -5.14
CA ARG B 73 10.39 0.76 -5.17
C ARG B 73 11.08 1.14 -6.50
N PRO B 74 11.35 2.45 -6.68
CA PRO B 74 12.06 2.98 -7.86
C PRO B 74 13.36 2.19 -8.10
N VAL B 75 13.56 1.72 -9.32
CA VAL B 75 14.60 0.76 -9.66
C VAL B 75 16.01 1.35 -9.48
N VAL B 76 16.93 0.51 -8.98
CA VAL B 76 18.31 0.93 -8.78
C VAL B 76 19.20 0.02 -9.59
N VAL B 77 20.23 0.61 -10.17
CA VAL B 77 21.20 -0.19 -10.90
C VAL B 77 22.47 -0.37 -10.07
N ILE B 78 22.94 -1.60 -10.02
CA ILE B 78 24.23 -1.91 -9.43
C ILE B 78 25.16 -2.50 -10.49
N GLU B 79 26.23 -1.76 -10.80
CA GLU B 79 27.29 -2.30 -11.64
C GLU B 79 28.69 -1.84 -11.25
N HIS B 80 29.65 -2.73 -11.47
CA HIS B 80 31.04 -2.57 -11.01
C HIS B 80 31.12 -2.52 -9.45
N ASN B 81 30.23 -3.24 -8.77
CA ASN B 81 30.16 -3.27 -7.28
C ASN B 81 29.75 -1.94 -6.67
N GLU B 82 28.96 -1.17 -7.41
CA GLU B 82 28.67 0.20 -7.07
C GLU B 82 27.21 0.43 -7.40
N VAL B 83 26.49 1.14 -6.53
CA VAL B 83 25.15 1.64 -6.88
C VAL B 83 25.32 2.80 -7.84
N THR B 84 24.97 2.59 -9.11
CA THR B 84 25.27 3.60 -10.11
C THR B 84 24.09 4.51 -10.36
N SER B 85 22.87 3.99 -10.27
CA SER B 85 21.69 4.85 -10.43
C SER B 85 20.48 4.39 -9.67
N MET B 86 19.57 5.34 -9.45
CA MET B 86 18.25 5.08 -8.89
C MET B 86 17.27 5.92 -9.68
N ASP B 87 16.25 5.28 -10.22
CA ASP B 87 15.13 5.94 -10.89
C ASP B 87 14.52 7.03 -9.97
N GLU B 88 14.57 8.29 -10.42
CA GLU B 88 14.06 9.41 -9.63
C GLU B 88 12.54 9.46 -9.52
N LEU B 89 11.85 8.75 -10.41
CA LEU B 89 10.38 8.71 -10.46
C LEU B 89 9.79 10.12 -10.51
N ASN B 90 10.38 10.98 -11.34
CA ASN B 90 9.95 12.37 -11.45
C ASN B 90 8.53 12.47 -11.96
N LEU B 91 7.69 13.13 -11.17
CA LEU B 91 6.38 13.56 -11.58
C LEU B 91 6.62 15.04 -11.86
N GLY B 92 6.64 15.41 -13.13
CA GLY B 92 6.96 16.77 -13.49
C GLY B 92 6.00 17.33 -14.50
N LEU B 93 5.93 18.65 -14.53
CA LEU B 93 5.22 19.41 -15.54
C LEU B 93 6.26 19.95 -16.52
N HIS B 94 6.04 19.66 -17.80
CA HIS B 94 6.99 20.09 -18.86
C HIS B 94 6.31 20.95 -19.88
N VAL B 95 7.10 21.87 -20.46
CA VAL B 95 6.72 22.51 -21.73
C VAL B 95 7.35 21.68 -22.84
N VAL B 96 6.52 21.21 -23.76
CA VAL B 96 7.00 20.39 -24.89
C VAL B 96 6.67 21.11 -26.21
N ARG B 97 7.57 21.06 -27.18
CA ARG B 97 7.27 21.67 -28.48
C ARG B 97 7.17 20.65 -29.61
N ASP B 98 6.06 20.69 -30.34
CA ASP B 98 5.84 19.80 -31.50
C ASP B 98 6.78 20.11 -32.68
N ASN B 99 6.60 19.39 -33.79
CA ASN B 99 7.48 19.55 -34.97
C ASN B 99 7.54 21.01 -35.52
N ASP B 100 6.49 21.78 -35.28
CA ASP B 100 6.44 23.21 -35.63
C ASP B 100 6.83 24.16 -34.49
N ASN B 101 7.42 23.60 -33.43
CA ASN B 101 7.80 24.41 -32.26
C ASN B 101 6.58 25.04 -31.54
N LYS B 102 5.40 24.47 -31.77
CA LYS B 102 4.20 24.87 -31.03
C LYS B 102 4.18 24.23 -29.61
N PRO B 103 4.07 25.09 -28.56
CA PRO B 103 4.16 24.57 -27.18
C PRO B 103 2.90 23.84 -26.71
N PHE B 104 3.11 22.76 -25.96
CA PHE B 104 2.06 22.23 -25.11
C PHE B 104 2.65 21.77 -23.78
N LEU B 105 1.75 21.46 -22.86
CA LEU B 105 2.11 21.09 -21.51
C LEU B 105 1.86 19.61 -21.24
N MET B 106 2.79 19.00 -20.54
CA MET B 106 2.65 17.64 -20.13
C MET B 106 2.95 17.44 -18.62
N LEU B 107 1.99 16.83 -17.95
CA LEU B 107 2.19 16.35 -16.59
C LEU B 107 2.29 14.84 -16.66
N SER B 108 3.49 14.33 -16.37
CA SER B 108 3.69 12.93 -16.48
C SER B 108 4.59 12.43 -15.36
N GLY B 109 4.49 11.15 -15.09
CA GLY B 109 5.28 10.50 -14.04
C GLY B 109 4.29 9.62 -13.29
N PRO B 110 4.66 9.14 -12.09
CA PRO B 110 3.76 8.22 -11.35
C PRO B 110 2.46 8.87 -10.84
N GLU B 111 1.33 8.18 -10.98
CA GLU B 111 0.12 8.60 -10.28
C GLU B 111 0.47 8.67 -8.79
N PRO B 112 0.24 9.81 -8.08
CA PRO B 112 0.49 9.80 -6.60
C PRO B 112 -0.24 8.71 -5.82
N ASP B 113 0.42 8.12 -4.82
CA ASP B 113 -0.29 7.22 -3.88
C ASP B 113 -1.10 8.06 -2.86
N LEU B 114 -0.60 9.26 -2.54
CA LEU B 114 -1.07 10.04 -1.41
C LEU B 114 -1.55 11.44 -1.81
N ARG B 115 -2.36 12.04 -0.91
CA ARG B 115 -2.73 13.45 -1.00
C ARG B 115 -3.42 13.86 -2.33
N TRP B 116 -4.38 13.05 -2.81
CA TRP B 116 -5.10 13.38 -4.04
C TRP B 116 -5.78 14.79 -4.03
N GLY B 117 -6.31 15.22 -2.87
CA GLY B 117 -6.85 16.54 -2.65
C GLY B 117 -5.86 17.66 -2.87
N ASP B 118 -4.76 17.68 -2.11
CA ASP B 118 -3.70 18.67 -2.32
C ASP B 118 -3.12 18.59 -3.72
N PHE B 119 -2.99 17.39 -4.26
CA PHE B 119 -2.42 17.19 -5.60
C PHE B 119 -3.29 17.76 -6.72
N SER B 120 -4.57 17.42 -6.71
CA SER B 120 -5.45 17.93 -7.72
C SER B 120 -5.61 19.45 -7.58
N ASN B 121 -5.65 19.97 -6.35
CA ASN B 121 -5.56 21.42 -6.16
C ASN B 121 -4.26 22.08 -6.65
N ALA B 122 -3.11 21.46 -6.45
CA ALA B 122 -1.85 21.99 -6.93
C ALA B 122 -1.82 22.01 -8.46
N VAL B 123 -2.42 20.97 -9.05
CA VAL B 123 -2.49 20.91 -10.49
C VAL B 123 -3.40 22.00 -11.08
N VAL B 124 -4.55 22.25 -10.44
CA VAL B 124 -5.36 23.35 -10.90
C VAL B 124 -4.70 24.71 -10.73
N ASP B 125 -3.93 24.95 -9.68
CA ASP B 125 -3.20 26.22 -9.59
C ASP B 125 -2.20 26.37 -10.72
N LEU B 126 -1.67 25.25 -11.20
CA LEU B 126 -0.68 25.28 -12.28
C LEU B 126 -1.35 25.56 -13.63
N VAL B 127 -2.55 24.98 -13.88
CA VAL B 127 -3.25 25.28 -15.10
C VAL B 127 -3.68 26.76 -15.20
N GLU B 128 -4.09 27.33 -14.07
CA GLU B 128 -4.34 28.77 -14.00
C GLU B 128 -3.06 29.56 -14.22
N LYS B 129 -2.03 29.22 -13.46
CA LYS B 129 -0.73 29.86 -13.58
C LYS B 129 -0.31 29.97 -15.06
N PHE B 130 -0.53 28.92 -15.82
CA PHE B 130 0.02 28.88 -17.18
C PHE B 130 -1.00 29.16 -18.27
N GLY B 131 -2.18 29.61 -17.86
CA GLY B 131 -3.29 29.93 -18.76
C GLY B 131 -3.62 28.80 -19.70
N VAL B 132 -3.60 27.56 -19.18
CA VAL B 132 -4.01 26.36 -19.93
C VAL B 132 -5.48 26.52 -20.28
N GLU B 133 -5.84 26.11 -21.49
CA GLU B 133 -7.23 26.26 -21.95
C GLU B 133 -8.02 24.96 -22.04
N ASN B 134 -7.34 23.81 -22.00
CA ASN B 134 -8.00 22.50 -22.00
C ASN B 134 -7.09 21.42 -21.41
N THR B 135 -7.67 20.50 -20.67
CA THR B 135 -6.88 19.43 -20.07
C THR B 135 -7.35 18.06 -20.55
N ILE B 136 -6.38 17.25 -20.95
CA ILE B 136 -6.62 15.91 -21.41
C ILE B 136 -5.85 14.86 -20.61
N CYS B 137 -6.60 14.00 -19.92
CA CYS B 137 -6.07 12.87 -19.18
C CYS B 137 -6.11 11.56 -19.96
N LEU B 138 -5.04 10.78 -19.89
CA LEU B 138 -4.92 9.58 -20.69
C LEU B 138 -5.10 8.32 -19.84
N TYR B 139 -5.81 7.34 -20.40
CA TYR B 139 -6.14 6.07 -19.75
C TYR B 139 -6.00 4.98 -20.80
N ALA B 140 -5.51 3.80 -20.43
CA ALA B 140 -5.52 2.63 -21.31
C ALA B 140 -6.22 1.49 -20.56
N ALA B 141 -7.32 1.03 -21.14
CA ALA B 141 -8.13 -0.02 -20.49
C ALA B 141 -8.07 -1.32 -21.24
N PRO B 142 -7.98 -2.46 -20.52
CA PRO B 142 -8.06 -3.73 -21.22
C PRO B 142 -9.51 -3.94 -21.62
N MET B 143 -9.75 -4.27 -22.88
CA MET B 143 -11.13 -4.46 -23.37
C MET B 143 -11.31 -5.74 -24.19
N THR B 144 -12.57 -6.08 -24.40
CA THR B 144 -12.94 -7.24 -25.21
C THR B 144 -13.02 -6.75 -26.66
N VAL B 145 -11.83 -6.52 -27.23
CA VAL B 145 -11.64 -6.06 -28.59
C VAL B 145 -10.48 -6.88 -29.11
N PRO B 146 -10.43 -7.12 -30.43
CA PRO B 146 -9.35 -7.92 -31.03
C PRO B 146 -8.13 -7.12 -31.50
N HIS B 147 -6.96 -7.76 -31.54
CA HIS B 147 -5.79 -7.12 -32.15
C HIS B 147 -5.93 -6.91 -33.65
N THR B 148 -6.95 -7.55 -34.23
CA THR B 148 -7.17 -7.57 -35.69
C THR B 148 -8.08 -6.43 -36.18
N ARG B 149 -8.43 -5.50 -35.29
CA ARG B 149 -9.30 -4.38 -35.64
C ARG B 149 -8.65 -3.06 -35.17
N PRO B 150 -8.96 -1.93 -35.85
CA PRO B 150 -8.36 -0.64 -35.40
C PRO B 150 -8.57 -0.38 -33.90
N THR B 151 -7.60 0.29 -33.28
CA THR B 151 -7.67 0.69 -31.86
C THR B 151 -8.62 1.87 -31.62
N VAL B 152 -9.60 1.64 -30.77
CA VAL B 152 -10.58 2.66 -30.45
C VAL B 152 -10.21 3.49 -29.21
N VAL B 153 -10.63 4.75 -29.23
CA VAL B 153 -10.52 5.66 -28.10
C VAL B 153 -11.92 6.23 -27.78
N THR B 154 -12.31 6.13 -26.51
CA THR B 154 -13.54 6.77 -26.06
C THR B 154 -13.22 7.99 -25.20
N ALA B 155 -14.15 8.94 -25.10
CA ALA B 155 -13.89 10.17 -24.38
C ALA B 155 -15.01 10.52 -23.41
N HIS B 156 -14.62 11.19 -22.31
CA HIS B 156 -15.54 11.81 -21.37
C HIS B 156 -15.02 13.17 -20.96
N GLY B 157 -15.91 14.02 -20.47
CA GLY B 157 -15.54 15.39 -20.16
C GLY B 157 -16.45 16.41 -20.86
N ASN B 158 -15.97 17.65 -20.94
CA ASN B 158 -16.75 18.77 -21.45
C ASN B 158 -16.09 19.43 -22.68
N SER B 159 -15.02 18.82 -23.19
CA SER B 159 -14.31 19.30 -24.37
C SER B 159 -14.03 18.12 -25.32
N THR B 160 -14.87 17.11 -25.21
CA THR B 160 -14.79 15.88 -25.98
C THR B 160 -15.08 16.11 -27.47
N ASP B 161 -15.85 17.17 -27.75
CA ASP B 161 -16.21 17.61 -29.11
C ASP B 161 -14.99 17.77 -30.00
N ARG B 162 -13.85 18.12 -29.42
CA ARG B 162 -12.62 18.35 -30.18
C ARG B 162 -11.97 17.07 -30.70
N LEU B 163 -12.52 15.92 -30.33
CA LEU B 163 -12.02 14.66 -30.84
C LEU B 163 -12.99 14.03 -31.84
N LYS B 164 -12.62 14.12 -33.12
CA LYS B 164 -13.43 13.68 -34.27
C LYS B 164 -13.70 12.18 -34.24
N ASP B 165 -12.64 11.38 -34.18
CA ASP B 165 -12.81 9.92 -34.15
C ASP B 165 -12.75 9.37 -32.73
N GLN B 166 -13.88 8.86 -32.27
CA GLN B 166 -14.03 8.38 -30.91
C GLN B 166 -15.36 7.64 -30.80
N VAL B 167 -15.27 6.31 -30.81
CA VAL B 167 -16.41 5.40 -30.83
C VAL B 167 -17.06 5.28 -29.44
N SER B 168 -17.21 6.44 -28.79
CA SER B 168 -17.56 6.56 -27.36
C SER B 168 -19.05 6.53 -27.03
N LEU B 169 -19.74 5.50 -27.53
CA LEU B 169 -21.15 5.27 -27.22
C LEU B 169 -21.22 4.76 -25.78
N ASP B 170 -21.57 5.66 -24.86
CA ASP B 170 -21.44 5.40 -23.45
C ASP B 170 -22.77 5.47 -22.68
N THR B 171 -22.74 4.92 -21.47
CA THR B 171 -23.83 4.91 -20.50
C THR B 171 -23.26 5.21 -19.10
N ARG B 172 -23.94 4.72 -18.06
CA ARG B 172 -23.50 4.93 -16.68
C ARG B 172 -22.57 3.83 -16.19
N MET B 173 -21.39 4.22 -15.72
CA MET B 173 -20.48 3.24 -15.10
C MET B 173 -19.75 3.72 -13.84
N THR B 174 -19.45 2.76 -12.98
CA THR B 174 -18.68 3.05 -11.76
C THR B 174 -17.30 2.42 -11.90
N VAL B 175 -16.26 3.26 -11.81
CA VAL B 175 -14.87 2.79 -11.91
C VAL B 175 -14.08 3.03 -10.59
N PRO B 176 -12.97 2.29 -10.37
CA PRO B 176 -12.17 2.67 -9.20
C PRO B 176 -11.57 4.09 -9.41
N GLY B 177 -11.51 4.86 -8.34
CA GLY B 177 -11.03 6.21 -8.44
C GLY B 177 -9.55 6.32 -8.77
N SER B 178 -9.20 7.46 -9.35
CA SER B 178 -7.81 7.77 -9.58
C SER B 178 -7.53 9.26 -9.34
N ALA B 179 -6.26 9.60 -9.26
CA ALA B 179 -5.86 10.96 -9.04
C ALA B 179 -6.27 11.82 -10.21
N SER B 180 -6.14 11.28 -11.43
CA SER B 180 -6.57 12.04 -12.60
C SER B 180 -8.11 12.26 -12.69
N LEU B 181 -8.91 11.25 -12.30
CA LEU B 181 -10.37 11.40 -12.26
C LEU B 181 -10.81 12.46 -11.24
N MET B 182 -10.16 12.47 -10.07
CA MET B 182 -10.38 13.53 -9.08
C MET B 182 -10.05 14.88 -9.70
N LEU B 183 -8.94 14.95 -10.43
CA LEU B 183 -8.51 16.21 -11.01
C LEU B 183 -9.52 16.68 -12.06
N GLU B 184 -10.02 15.73 -12.85
CA GLU B 184 -11.07 15.97 -13.85
C GLU B 184 -12.28 16.58 -13.20
N LYS B 185 -12.81 15.92 -12.16
CA LYS B 185 -13.97 16.44 -11.45
C LYS B 185 -13.75 17.84 -10.89
N LEU B 186 -12.56 18.15 -10.41
CA LEU B 186 -12.29 19.48 -9.85
C LEU B 186 -12.20 20.59 -10.94
N LEU B 187 -11.68 20.22 -12.10
CA LEU B 187 -11.56 21.14 -13.23
C LEU B 187 -12.96 21.46 -13.71
N LYS B 188 -13.77 20.43 -13.95
CA LYS B 188 -15.19 20.60 -14.23
C LYS B 188 -15.87 21.56 -13.23
N ASP B 189 -15.89 21.17 -11.95
CA ASP B 189 -16.53 21.95 -10.89
C ASP B 189 -16.01 23.37 -10.84
N LYS B 190 -14.79 23.61 -11.26
CA LYS B 190 -14.28 24.98 -11.30
C LYS B 190 -14.61 25.73 -12.59
N GLY B 191 -15.40 25.08 -13.48
CA GLY B 191 -15.82 25.67 -14.77
C GLY B 191 -14.87 25.50 -15.95
N LYS B 192 -13.92 24.57 -15.85
CA LYS B 192 -12.83 24.45 -16.83
C LYS B 192 -13.05 23.42 -17.92
N ASN B 193 -12.30 23.57 -19.03
CA ASN B 193 -12.29 22.58 -20.10
C ASN B 193 -11.45 21.34 -19.73
N VAL B 194 -12.08 20.17 -19.69
CA VAL B 194 -11.36 18.92 -19.38
C VAL B 194 -11.99 17.65 -20.01
N SER B 195 -11.14 16.79 -20.55
CA SER B 195 -11.54 15.48 -21.09
C SER B 195 -10.57 14.38 -20.67
N GLY B 196 -11.10 13.15 -20.66
CA GLY B 196 -10.33 11.95 -20.43
C GLY B 196 -10.47 11.04 -21.62
N TYR B 197 -9.34 10.66 -22.22
CA TYR B 197 -9.30 9.72 -23.35
C TYR B 197 -8.83 8.34 -22.92
N THR B 198 -9.66 7.36 -23.17
CA THR B 198 -9.29 5.99 -22.94
C THR B 198 -9.13 5.24 -24.28
N VAL B 199 -8.00 4.60 -24.44
CA VAL B 199 -7.76 3.76 -25.59
C VAL B 199 -8.10 2.33 -25.14
N HIS B 200 -8.68 1.53 -26.04
CA HIS B 200 -9.13 0.18 -25.71
C HIS B 200 -8.13 -0.82 -26.21
N VAL B 201 -7.62 -1.66 -25.32
CA VAL B 201 -6.53 -2.55 -25.66
C VAL B 201 -7.05 -3.98 -25.50
N PRO B 202 -6.78 -4.88 -26.49
CA PRO B 202 -7.21 -6.28 -26.34
C PRO B 202 -6.77 -6.78 -24.98
N HIS B 203 -7.70 -7.34 -24.20
CA HIS B 203 -7.38 -7.72 -22.83
C HIS B 203 -6.26 -8.74 -22.79
N TYR B 204 -6.19 -9.62 -23.79
CA TYR B 204 -5.28 -10.77 -23.72
C TYR B 204 -3.85 -10.38 -24.07
N VAL B 205 -3.69 -9.12 -24.46
CA VAL B 205 -2.39 -8.55 -24.82
C VAL B 205 -1.99 -7.36 -23.92
N SER B 206 -2.83 -7.09 -22.92
CA SER B 206 -2.71 -5.89 -22.08
C SER B 206 -1.47 -5.80 -21.18
N ALA B 207 -0.92 -6.95 -20.80
CA ALA B 207 0.28 -7.03 -19.95
C ALA B 207 1.59 -6.71 -20.64
N SER B 208 1.62 -6.74 -21.97
CA SER B 208 2.83 -6.43 -22.76
C SER B 208 2.61 -5.15 -23.52
N PRO B 209 3.69 -4.45 -23.89
CA PRO B 209 3.54 -3.24 -24.72
C PRO B 209 2.66 -3.47 -25.97
N TYR B 210 1.65 -2.63 -26.13
CA TYR B 210 0.80 -2.65 -27.32
C TYR B 210 0.85 -1.26 -28.00
N PRO B 211 1.91 -1.02 -28.78
CA PRO B 211 2.14 0.32 -29.42
C PRO B 211 1.03 0.90 -30.26
N ALA B 212 0.16 0.09 -30.85
CA ALA B 212 -0.98 0.64 -31.61
C ALA B 212 -1.84 1.57 -30.72
N ALA B 213 -1.89 1.27 -29.42
CA ALA B 213 -2.68 2.05 -28.46
C ALA B 213 -1.97 3.37 -28.10
N THR B 214 -0.67 3.32 -27.90
CA THR B 214 0.14 4.53 -27.71
C THR B 214 -0.11 5.47 -28.88
N LEU B 215 0.11 4.95 -30.09
CA LEU B 215 -0.16 5.66 -31.36
C LEU B 215 -1.53 6.29 -31.40
N LYS B 216 -2.56 5.48 -31.11
CA LYS B 216 -3.91 5.98 -31.05
C LYS B 216 -4.07 7.13 -30.04
N LEU B 217 -3.57 6.98 -28.81
CA LEU B 217 -3.64 8.08 -27.83
C LEU B 217 -2.95 9.33 -28.36
N LEU B 218 -1.77 9.17 -28.96
CA LEU B 218 -1.02 10.30 -29.43
C LEU B 218 -1.72 11.02 -30.61
N GLN B 219 -2.25 10.27 -31.57
CA GLN B 219 -2.96 10.90 -32.67
C GLN B 219 -4.28 11.54 -32.23
N SER B 220 -4.89 11.02 -31.16
CA SER B 220 -6.08 11.67 -30.60
C SER B 220 -5.72 13.04 -30.01
N ILE B 221 -4.54 13.10 -29.39
CA ILE B 221 -3.99 14.33 -28.84
C ILE B 221 -3.57 15.29 -29.95
N ALA B 222 -2.81 14.81 -30.92
CA ALA B 222 -2.42 15.63 -32.07
C ALA B 222 -3.66 16.27 -32.73
N ASP B 223 -4.73 15.48 -32.87
CA ASP B 223 -6.00 15.87 -33.48
C ASP B 223 -6.70 16.98 -32.71
N SER B 224 -6.88 16.80 -31.40
CA SER B 224 -7.72 17.70 -30.61
C SER B 224 -6.98 18.91 -30.01
N ALA B 225 -5.66 18.88 -30.06
CA ALA B 225 -4.87 19.96 -29.53
C ALA B 225 -4.16 20.67 -30.69
N ASP B 226 -4.40 20.19 -31.91
CA ASP B 226 -3.77 20.74 -33.12
C ASP B 226 -2.26 20.72 -33.00
N LEU B 227 -1.71 19.50 -32.88
CA LEU B 227 -0.26 19.30 -32.71
C LEU B 227 0.30 18.44 -33.84
N ASN B 228 1.54 18.71 -34.21
CA ASN B 228 2.25 17.93 -35.23
C ASN B 228 3.32 17.05 -34.57
N LEU B 229 2.99 15.76 -34.40
CA LEU B 229 3.83 14.85 -33.63
C LEU B 229 4.62 13.80 -34.43
N PRO B 230 5.91 13.61 -34.14
CA PRO B 230 6.61 12.58 -34.89
C PRO B 230 6.17 11.19 -34.41
N LEU B 231 5.42 10.47 -35.24
CA LEU B 231 4.79 9.23 -34.81
C LEU B 231 5.34 7.95 -35.44
N LEU B 232 6.28 8.08 -36.37
CA LEU B 232 6.62 6.99 -37.31
C LEU B 232 7.30 5.74 -36.70
N ALA B 233 8.10 5.91 -35.65
CA ALA B 233 8.70 4.77 -34.93
C ALA B 233 7.67 3.90 -34.20
N LEU B 234 6.55 4.52 -33.84
CA LEU B 234 5.43 3.83 -33.20
C LEU B 234 4.61 2.99 -34.18
N GLU B 235 4.61 3.43 -35.43
CA GLU B 235 3.96 2.72 -36.53
C GLU B 235 4.73 1.44 -36.85
N ARG B 236 6.04 1.58 -36.95
CA ARG B 236 6.92 0.46 -37.13
C ARG B 236 6.74 -0.57 -36.00
N ASP B 237 6.80 -0.10 -34.75
CA ASP B 237 6.58 -0.92 -33.55
C ASP B 237 5.28 -1.70 -33.52
N ALA B 238 4.19 -1.06 -33.99
CA ALA B 238 2.85 -1.62 -33.98
C ALA B 238 2.74 -2.76 -34.96
N GLU B 239 3.34 -2.55 -36.14
CA GLU B 239 3.34 -3.55 -37.20
C GLU B 239 4.13 -4.77 -36.77
N LYS B 240 5.16 -4.55 -35.96
CA LYS B 240 6.02 -5.62 -35.49
C LYS B 240 5.32 -6.44 -34.40
N VAL B 241 4.60 -5.77 -33.48
CA VAL B 241 3.76 -6.52 -32.50
C VAL B 241 2.53 -7.23 -33.15
N HIS B 242 1.93 -6.60 -34.15
CA HIS B 242 0.89 -7.25 -34.91
C HIS B 242 1.34 -8.59 -35.53
N ARG B 243 2.53 -8.58 -36.14
CA ARG B 243 3.07 -9.78 -36.78
C ARG B 243 3.36 -10.89 -35.77
N GLN B 244 3.85 -10.52 -34.59
CA GLN B 244 4.05 -11.51 -33.53
C GLN B 244 2.72 -12.12 -33.07
N LEU B 245 1.68 -11.29 -33.08
CA LEU B 245 0.34 -11.68 -32.71
C LEU B 245 -0.31 -12.53 -33.78
N MET B 246 -0.07 -12.20 -35.04
CA MET B 246 -0.60 -13.01 -36.16
C MET B 246 -0.04 -14.43 -36.06
N GLU B 247 1.26 -14.51 -35.91
CA GLU B 247 2.00 -15.76 -35.80
C GLU B 247 1.48 -16.65 -34.67
N GLN B 248 1.14 -16.04 -33.53
CA GLN B 248 0.58 -16.80 -32.41
C GLN B 248 -0.85 -17.28 -32.60
N THR B 249 -1.70 -16.44 -33.19
CA THR B 249 -3.10 -16.82 -33.42
C THR B 249 -3.15 -17.87 -34.52
N GLU B 250 -2.21 -17.76 -35.46
CA GLU B 250 -2.02 -18.73 -36.55
C GLU B 250 -1.80 -20.16 -36.04
N GLU B 251 -0.96 -20.30 -35.02
CA GLU B 251 -0.71 -21.60 -34.40
C GLU B 251 -1.95 -22.27 -33.76
N SER B 252 -2.97 -21.50 -33.42
CA SER B 252 -4.02 -22.02 -32.53
C SER B 252 -5.45 -21.78 -33.00
N SER B 253 -6.16 -22.87 -33.26
CA SER B 253 -7.60 -22.82 -33.59
C SER B 253 -8.46 -22.29 -32.42
N GLU B 254 -8.09 -22.65 -31.19
CA GLU B 254 -8.72 -22.10 -29.99
C GLU B 254 -8.61 -20.56 -29.93
N ILE B 255 -7.41 -20.04 -30.17
CA ILE B 255 -7.16 -18.59 -30.27
C ILE B 255 -7.86 -17.95 -31.48
N GLN B 256 -7.86 -18.63 -32.63
CA GLN B 256 -8.51 -18.12 -33.85
C GLN B 256 -10.03 -17.88 -33.65
N ARG B 257 -10.60 -18.77 -32.84
CA ARG B 257 -12.00 -18.81 -32.50
C ARG B 257 -12.35 -17.63 -31.60
N VAL B 258 -11.50 -17.40 -30.61
CA VAL B 258 -11.62 -16.29 -29.68
C VAL B 258 -11.46 -14.91 -30.35
N VAL B 259 -10.52 -14.79 -31.29
CA VAL B 259 -10.30 -13.55 -32.05
C VAL B 259 -11.49 -13.23 -32.99
N GLY B 260 -11.96 -14.23 -33.73
CA GLY B 260 -13.13 -14.07 -34.61
C GLY B 260 -14.42 -13.68 -33.89
N ALA B 261 -14.64 -14.23 -32.71
CA ALA B 261 -15.79 -13.82 -31.88
C ALA B 261 -15.70 -12.34 -31.40
N LEU B 262 -14.50 -11.89 -31.04
CA LEU B 262 -14.28 -10.45 -30.74
C LEU B 262 -14.40 -9.56 -31.97
N GLU B 263 -14.03 -10.10 -33.13
CA GLU B 263 -14.15 -9.40 -34.41
C GLU B 263 -15.60 -9.14 -34.76
N GLN B 264 -16.45 -10.13 -34.48
CA GLN B 264 -17.88 -10.07 -34.76
C GLN B 264 -18.54 -9.05 -33.84
N GLN B 265 -18.29 -9.20 -32.54
CA GLN B 265 -18.67 -8.23 -31.52
C GLN B 265 -18.31 -6.79 -31.90
N TYR B 266 -17.04 -6.59 -32.26
CA TYR B 266 -16.48 -5.30 -32.69
C TYR B 266 -17.23 -4.67 -33.88
N ASP B 267 -17.45 -5.47 -34.93
CA ASP B 267 -18.09 -5.02 -36.19
C ASP B 267 -19.56 -4.67 -35.93
N SER B 268 -20.20 -5.52 -35.12
CA SER B 268 -21.55 -5.32 -34.72
C SER B 268 -21.73 -3.97 -33.99
N GLU B 269 -20.85 -3.68 -33.03
CA GLU B 269 -20.95 -2.44 -32.25
C GLU B 269 -20.63 -1.23 -33.13
N LEU B 270 -19.70 -1.41 -34.07
CA LEU B 270 -19.40 -0.38 -35.05
C LEU B 270 -20.62 -0.04 -35.91
N GLU B 271 -21.38 -1.06 -36.32
CA GLU B 271 -22.68 -0.84 -36.98
C GLU B 271 -23.62 -0.05 -36.09
N ARG B 272 -23.80 -0.46 -34.85
CA ARG B 272 -24.70 0.27 -33.99
C ARG B 272 -24.28 1.74 -33.87
N TYR B 273 -22.97 1.95 -33.76
CA TYR B 273 -22.41 3.28 -33.59
C TYR B 273 -22.65 4.25 -34.76
N ARG B 274 -22.43 3.80 -35.98
CA ARG B 274 -22.65 4.66 -37.14
C ARG B 274 -24.13 4.89 -37.41
N ASN B 275 -24.94 3.88 -37.14
CA ASN B 275 -26.37 4.04 -37.20
C ASN B 275 -26.83 5.17 -36.27
N ARG B 276 -26.30 5.20 -35.06
CA ARG B 276 -26.66 6.25 -34.09
C ARG B 276 -25.89 7.57 -34.31
N HIS B 277 -24.85 7.55 -35.15
CA HIS B 277 -24.05 8.74 -35.44
C HIS B 277 -23.83 8.99 -36.94
N PRO B 278 -24.91 9.33 -37.67
CA PRO B 278 -24.82 9.61 -39.12
C PRO B 278 -23.53 10.31 -39.55
N ARG C 7 12.08 16.48 12.84
CA ARG C 7 10.91 16.21 12.03
C ARG C 7 10.77 14.72 11.74
N MET C 8 11.82 14.12 11.18
CA MET C 8 11.84 12.68 10.92
C MET C 8 12.01 11.90 12.21
N TYR C 9 12.75 12.48 13.16
CA TYR C 9 13.25 11.73 14.30
C TYR C 9 13.36 12.62 15.54
N GLU C 10 13.55 12.01 16.70
CA GLU C 10 13.68 12.74 17.95
C GLU C 10 14.90 12.26 18.74
N LEU C 11 15.77 13.21 19.10
CA LEU C 11 16.97 12.89 19.85
C LEU C 11 16.63 12.58 21.30
N GLU C 12 17.12 11.44 21.81
CA GLU C 12 16.99 11.04 23.20
C GLU C 12 17.67 12.01 24.20
N TYR C 13 17.01 12.21 25.33
CA TYR C 13 17.52 13.09 26.40
C TYR C 13 17.57 12.46 27.81
N PRO C 14 18.73 12.55 28.48
CA PRO C 14 20.03 13.00 27.97
C PRO C 14 20.65 12.06 26.91
N SER C 15 21.44 12.63 26.00
CA SER C 15 22.03 11.89 24.92
C SER C 15 23.12 10.96 25.42
N PRO C 16 23.10 9.68 25.00
CA PRO C 16 24.19 8.81 25.39
C PRO C 16 25.51 9.20 24.71
N GLU C 17 26.61 8.94 25.38
CA GLU C 17 27.92 9.27 24.88
C GLU C 17 28.42 8.13 24.01
N VAL C 18 29.06 8.46 22.89
CA VAL C 18 29.74 7.46 22.07
C VAL C 18 31.26 7.61 22.35
N SER C 19 31.72 6.93 23.39
CA SER C 19 33.08 7.12 23.91
C SER C 19 33.96 5.97 23.46
N GLY C 20 34.77 6.25 22.48
CA GLY C 20 35.79 5.33 22.12
C GLY C 20 37.01 5.60 22.99
N GLN C 21 37.38 4.62 23.81
CA GLN C 21 38.78 4.51 24.20
C GLN C 21 39.56 4.36 22.90
N THR C 22 38.87 3.86 21.87
CA THR C 22 39.36 3.82 20.48
C THR C 22 39.08 5.14 19.73
N ALA C 23 40.13 5.77 19.19
CA ALA C 23 39.97 7.00 18.41
C ALA C 23 39.66 6.67 16.94
N GLY C 24 39.06 7.62 16.23
CA GLY C 24 38.51 7.32 14.91
C GLY C 24 37.03 7.08 15.11
N GLY C 25 36.22 7.47 14.13
CA GLY C 25 34.77 7.39 14.26
C GLY C 25 34.20 5.96 14.24
N PRO C 26 32.98 5.80 14.80
CA PRO C 26 32.30 4.52 14.82
C PRO C 26 31.91 4.09 13.41
N THR C 27 31.68 2.78 13.22
CA THR C 27 30.92 2.39 12.05
C THR C 27 29.41 2.32 12.33
N LEU C 28 28.62 2.73 11.33
CA LEU C 28 27.16 2.60 11.36
C LEU C 28 26.69 1.35 10.61
N ILE C 29 25.91 0.52 11.31
CA ILE C 29 25.22 -0.62 10.71
C ILE C 29 23.70 -0.31 10.52
N VAL C 30 23.23 -0.51 9.29
CA VAL C 30 21.87 -0.25 8.90
C VAL C 30 21.20 -1.60 8.74
N ALA C 31 20.16 -1.89 9.53
CA ALA C 31 19.43 -3.16 9.47
C ALA C 31 17.92 -2.88 9.45
N LEU C 32 17.38 -2.62 8.25
CA LEU C 32 15.96 -2.25 8.07
C LEU C 32 15.19 -3.44 7.57
N GLN C 33 14.20 -3.86 8.34
CA GLN C 33 13.36 -5.00 7.99
C GLN C 33 12.26 -4.54 7.00
N GLY C 34 12.04 -5.30 5.93
CA GLY C 34 10.97 -5.05 5.00
C GLY C 34 11.39 -5.07 3.54
N TYR C 35 12.65 -5.33 3.29
CA TYR C 35 13.09 -5.31 1.92
C TYR C 35 13.67 -6.62 1.48
N ALA C 36 14.76 -7.04 2.11
CA ALA C 36 15.44 -8.25 1.75
C ALA C 36 15.65 -9.04 3.04
N ASP C 37 14.64 -9.86 3.35
CA ASP C 37 14.54 -10.55 4.61
C ASP C 37 14.59 -12.09 4.51
N ALA C 38 15.23 -12.61 3.47
CA ALA C 38 15.44 -14.08 3.40
C ALA C 38 16.09 -14.66 4.69
N GLY C 39 15.54 -15.78 5.16
CA GLY C 39 15.94 -16.40 6.41
C GLY C 39 15.78 -15.52 7.65
N HIS C 40 15.05 -14.41 7.50
CA HIS C 40 14.90 -13.39 8.56
C HIS C 40 16.23 -12.83 9.02
N ALA C 41 17.23 -12.82 8.14
CA ALA C 41 18.62 -12.62 8.58
C ALA C 41 18.90 -11.18 9.01
N VAL C 42 18.16 -10.21 8.47
CA VAL C 42 18.49 -8.84 8.74
C VAL C 42 17.98 -8.41 10.10
N GLU C 43 16.71 -8.70 10.32
CA GLU C 43 16.05 -8.51 11.60
C GLU C 43 16.69 -9.39 12.70
N SER C 44 17.08 -10.60 12.35
CA SER C 44 17.75 -11.47 13.33
C SER C 44 19.11 -10.93 13.73
N SER C 45 19.79 -10.24 12.80
CA SER C 45 21.07 -9.58 13.08
C SER C 45 20.94 -8.49 14.13
N SER C 46 20.00 -7.57 13.94
CA SER C 46 19.88 -6.48 14.86
C SER C 46 19.34 -6.96 16.24
N SER C 47 18.37 -7.86 16.24
CA SER C 47 17.80 -8.37 17.49
C SER C 47 18.81 -9.17 18.29
N HIS C 48 19.64 -9.95 17.61
CA HIS C 48 20.71 -10.66 18.26
C HIS C 48 21.70 -9.75 19.00
N LEU C 49 22.16 -8.68 18.32
CA LEU C 49 23.11 -7.74 18.94
C LEU C 49 22.45 -7.00 20.10
N MET C 50 21.20 -6.60 19.91
CA MET C 50 20.46 -5.95 20.95
C MET C 50 20.29 -6.87 22.18
N ASP C 51 20.01 -8.14 21.95
CA ASP C 51 19.86 -9.06 23.05
C ASP C 51 21.16 -9.27 23.78
N ALA C 52 22.26 -9.40 23.06
CA ALA C 52 23.54 -9.78 23.66
C ALA C 52 24.42 -8.64 24.15
N LEU C 53 24.14 -7.39 23.77
CA LEU C 53 25.11 -6.32 24.09
C LEU C 53 24.44 -5.16 24.77
N ASP C 54 25.22 -4.34 25.46
CA ASP C 54 24.71 -3.05 25.98
C ASP C 54 24.50 -2.08 24.81
N HIS C 55 23.29 -1.52 24.76
CA HIS C 55 22.90 -0.60 23.69
C HIS C 55 22.20 0.56 24.33
N ARG C 56 22.36 1.74 23.75
CA ARG C 56 21.57 2.87 24.25
C ARG C 56 20.91 3.61 23.09
N LEU C 57 19.70 4.04 23.32
CA LEU C 57 18.92 4.73 22.31
C LEU C 57 19.44 6.17 22.12
N ILE C 58 19.79 6.52 20.89
CA ILE C 58 20.21 7.86 20.50
C ILE C 58 19.08 8.70 19.88
N ALA C 59 18.39 8.13 18.88
CA ALA C 59 17.23 8.75 18.25
C ALA C 59 16.13 7.73 17.91
N SER C 60 14.87 8.18 18.01
CA SER C 60 13.68 7.47 17.57
C SER C 60 13.07 8.24 16.42
N PHE C 61 12.89 7.54 15.31
CA PHE C 61 12.17 8.10 14.15
C PHE C 61 10.64 8.15 14.39
N ASN C 62 9.95 9.10 13.77
CA ASN C 62 8.50 9.24 13.93
C ASN C 62 7.73 8.31 12.98
N ASN C 63 7.15 7.26 13.52
CA ASN C 63 6.40 6.34 12.65
C ASN C 63 5.20 6.97 11.97
N ASP C 64 4.64 8.04 12.53
CA ASP C 64 3.57 8.73 11.81
C ASP C 64 4.01 9.39 10.51
N GLU C 65 5.27 9.83 10.40
CA GLU C 65 5.87 10.37 9.13
C GLU C 65 6.26 9.26 8.11
N LEU C 66 6.45 8.05 8.62
CA LEU C 66 7.22 7.06 7.88
C LEU C 66 6.50 5.76 7.55
N ILE C 67 5.38 5.47 8.22
CA ILE C 67 4.77 4.14 8.18
C ILE C 67 3.35 4.17 7.57
N ASP C 68 3.10 3.26 6.62
CA ASP C 68 1.77 2.89 6.21
C ASP C 68 1.32 1.70 7.10
N TYR C 69 0.52 2.01 8.11
CA TYR C 69 0.21 1.07 9.14
C TYR C 69 -0.71 -0.03 8.65
N ARG C 70 -1.63 0.25 7.73
CA ARG C 70 -2.53 -0.81 7.18
C ARG C 70 -1.71 -1.80 6.40
N SER C 71 -0.57 -1.34 5.95
CA SER C 71 0.42 -2.19 5.37
C SER C 71 1.14 -3.09 6.40
N ARG C 72 1.52 -2.52 7.54
CA ARG C 72 2.37 -3.25 8.46
C ARG C 72 1.64 -3.95 9.61
N ARG C 73 0.48 -3.41 10.00
CA ARG C 73 -0.39 -3.97 11.05
C ARG C 73 0.48 -4.48 12.27
N PRO C 74 1.13 -3.54 12.97
CA PRO C 74 1.95 -3.96 14.10
C PRO C 74 1.12 -4.85 15.05
N VAL C 75 1.71 -5.98 15.42
CA VAL C 75 1.01 -7.07 16.06
C VAL C 75 0.47 -6.68 17.45
N VAL C 76 -0.75 -7.10 17.73
CA VAL C 76 -1.39 -6.77 18.99
C VAL C 76 -1.56 -8.03 19.83
N VAL C 77 -1.28 -7.92 21.13
CA VAL C 77 -1.54 -9.03 22.05
C VAL C 77 -2.77 -8.72 22.89
N ILE C 78 -3.72 -9.65 22.88
CA ILE C 78 -4.87 -9.61 23.78
C ILE C 78 -4.73 -10.75 24.79
N GLU C 79 -4.70 -10.41 26.07
CA GLU C 79 -4.76 -11.42 27.13
C GLU C 79 -5.40 -10.90 28.40
N HIS C 80 -5.97 -11.82 29.19
CA HIS C 80 -6.76 -11.48 30.36
C HIS C 80 -7.90 -10.54 29.88
N ASN C 81 -8.35 -10.83 28.66
CA ASN C 81 -9.43 -10.11 27.98
C ASN C 81 -9.26 -8.62 27.70
N GLU C 82 -8.03 -8.18 27.53
CA GLU C 82 -7.73 -6.78 27.21
C GLU C 82 -6.56 -6.69 26.25
N VAL C 83 -6.48 -5.60 25.51
CA VAL C 83 -5.31 -5.34 24.71
C VAL C 83 -4.18 -5.12 25.69
N THR C 84 -3.20 -6.00 25.70
CA THR C 84 -2.10 -5.80 26.64
C THR C 84 -0.88 -5.15 25.99
N SER C 85 -0.79 -5.24 24.67
CA SER C 85 0.47 -4.97 23.99
C SER C 85 0.26 -4.69 22.53
N MET C 86 0.96 -3.70 22.02
CA MET C 86 1.06 -3.43 20.58
C MET C 86 2.53 -3.20 20.20
N ASP C 87 2.98 -3.90 19.19
CA ASP C 87 4.33 -3.75 18.68
C ASP C 87 4.57 -2.30 18.28
N GLU C 88 5.59 -1.67 18.89
CA GLU C 88 5.86 -0.25 18.71
C GLU C 88 6.60 0.06 17.41
N LEU C 89 7.12 -1.01 16.80
CA LEU C 89 7.85 -0.92 15.54
C LEU C 89 8.93 0.18 15.55
N ASN C 90 9.76 0.18 16.60
CA ASN C 90 10.79 1.23 16.78
C ASN C 90 11.78 1.24 15.66
N LEU C 91 11.96 2.43 15.09
CA LEU C 91 13.00 2.64 14.14
C LEU C 91 13.91 3.62 14.87
N GLY C 92 15.06 3.11 15.28
CA GLY C 92 15.91 3.87 16.15
C GLY C 92 17.37 3.74 15.84
N LEU C 93 18.12 4.77 16.26
CA LEU C 93 19.58 4.76 16.15
C LEU C 93 20.09 4.45 17.55
N HIS C 94 20.93 3.42 17.66
CA HIS C 94 21.54 3.04 18.95
C HIS C 94 23.04 3.16 18.91
N VAL C 95 23.63 3.36 20.09
CA VAL C 95 25.05 3.02 20.34
C VAL C 95 25.09 1.63 21.05
N VAL C 96 25.94 0.75 20.53
CA VAL C 96 26.03 -0.60 21.01
C VAL C 96 27.49 -0.80 21.36
N ARG C 97 27.76 -1.50 22.45
CA ARG C 97 29.16 -1.81 22.84
C ARG C 97 29.48 -3.26 22.55
N ASP C 98 30.59 -3.49 21.84
CA ASP C 98 30.98 -4.88 21.61
C ASP C 98 31.53 -5.47 22.93
N ASN C 99 32.00 -6.72 22.89
CA ASN C 99 32.58 -7.40 24.08
C ASN C 99 33.90 -6.80 24.64
N ASP C 100 34.48 -5.83 23.94
CA ASP C 100 35.58 -5.04 24.51
C ASP C 100 35.08 -3.66 24.88
N ASN C 101 33.79 -3.41 24.68
CA ASN C 101 33.20 -2.11 24.96
C ASN C 101 33.54 -1.08 23.90
N LYS C 102 33.87 -1.56 22.72
CA LYS C 102 34.14 -0.67 21.62
C LYS C 102 32.77 -0.28 21.09
N PRO C 103 32.51 1.04 20.93
CA PRO C 103 31.18 1.49 20.41
C PRO C 103 30.98 1.32 18.89
N PHE C 104 29.74 1.03 18.49
CA PHE C 104 29.36 1.15 17.08
C PHE C 104 27.95 1.63 17.11
N LEU C 105 27.43 2.00 15.94
CA LEU C 105 26.07 2.55 15.82
C LEU C 105 25.20 1.59 15.04
N MET C 106 23.93 1.47 15.41
CA MET C 106 22.99 0.64 14.67
C MET C 106 21.70 1.40 14.43
N LEU C 107 21.27 1.40 13.19
CA LEU C 107 19.96 1.91 12.84
C LEU C 107 19.16 0.68 12.45
N SER C 108 18.13 0.38 13.22
CA SER C 108 17.38 -0.81 12.98
C SER C 108 15.88 -0.63 13.28
N GLY C 109 15.08 -1.51 12.71
CA GLY C 109 13.61 -1.42 12.79
C GLY C 109 13.02 -1.58 11.39
N PRO C 110 11.77 -1.12 11.22
CA PRO C 110 11.09 -1.19 9.92
C PRO C 110 11.75 -0.29 8.85
N GLU C 111 11.97 -0.81 7.64
CA GLU C 111 12.21 0.06 6.51
C GLU C 111 11.00 1.04 6.40
N PRO C 112 11.24 2.38 6.35
CA PRO C 112 10.05 3.24 6.09
C PRO C 112 9.28 2.90 4.82
N ASP C 113 7.95 3.02 4.90
CA ASP C 113 7.10 3.07 3.71
C ASP C 113 7.21 4.40 2.99
N LEU C 114 7.37 5.49 3.76
CA LEU C 114 7.15 6.85 3.27
C LEU C 114 8.38 7.67 3.35
N ARG C 115 8.40 8.78 2.61
CA ARG C 115 9.40 9.84 2.84
C ARG C 115 10.87 9.41 2.77
N TRP C 116 11.20 8.54 1.83
CA TRP C 116 12.56 8.07 1.67
C TRP C 116 13.58 9.18 1.48
N GLY C 117 13.21 10.30 0.84
CA GLY C 117 14.15 11.43 0.67
C GLY C 117 14.49 12.08 2.01
N ASP C 118 13.48 12.47 2.75
CA ASP C 118 13.69 13.07 4.07
C ASP C 118 14.40 12.10 5.00
N PHE C 119 13.98 10.82 4.98
CA PHE C 119 14.57 9.80 5.81
C PHE C 119 16.06 9.68 5.54
N SER C 120 16.43 9.51 4.29
CA SER C 120 17.85 9.33 4.00
C SER C 120 18.67 10.59 4.29
N ASN C 121 18.10 11.79 4.11
CA ASN C 121 18.73 13.05 4.53
C ASN C 121 18.92 13.10 6.06
N ALA C 122 17.88 12.82 6.85
CA ALA C 122 18.01 12.63 8.30
C ALA C 122 19.19 11.71 8.68
N VAL C 123 19.28 10.55 8.06
CA VAL C 123 20.32 9.61 8.44
C VAL C 123 21.74 10.16 8.10
N VAL C 124 21.90 10.75 6.92
CA VAL C 124 23.13 11.42 6.51
C VAL C 124 23.50 12.56 7.47
N ASP C 125 22.52 13.30 7.95
CA ASP C 125 22.74 14.31 8.97
C ASP C 125 23.26 13.65 10.23
N LEU C 126 22.69 12.51 10.58
CA LEU C 126 23.13 11.80 11.76
C LEU C 126 24.51 11.25 11.58
N VAL C 127 24.87 10.73 10.40
CA VAL C 127 26.22 10.20 10.28
C VAL C 127 27.29 11.28 10.42
N GLU C 128 26.92 12.51 10.03
CA GLU C 128 27.78 13.68 10.16
C GLU C 128 27.88 14.11 11.61
N LYS C 129 26.75 14.21 12.29
CA LYS C 129 26.69 14.60 13.70
C LYS C 129 27.47 13.66 14.63
N PHE C 130 27.49 12.36 14.32
CA PHE C 130 28.16 11.38 15.19
C PHE C 130 29.53 10.96 14.68
N GLY C 131 30.03 11.68 13.69
CA GLY C 131 31.31 11.38 13.10
C GLY C 131 31.50 9.96 12.62
N VAL C 132 30.45 9.35 12.05
CA VAL C 132 30.51 7.98 11.51
C VAL C 132 31.52 7.89 10.35
N GLU C 133 32.45 6.93 10.40
CA GLU C 133 33.41 6.83 9.31
C GLU C 133 33.12 5.78 8.25
N ASN C 134 32.26 4.81 8.56
CA ASN C 134 31.79 3.84 7.57
C ASN C 134 30.34 3.43 7.88
N THR C 135 29.56 3.17 6.83
CA THR C 135 28.21 2.67 6.97
C THR C 135 28.12 1.39 6.17
N ILE C 136 27.54 0.35 6.78
CA ILE C 136 27.28 -0.94 6.20
C ILE C 136 25.78 -1.27 6.25
N CYS C 137 25.15 -1.48 5.08
CA CYS C 137 23.75 -1.90 5.06
C CYS C 137 23.66 -3.39 4.85
N LEU C 138 22.66 -4.00 5.45
CA LEU C 138 22.47 -5.44 5.43
C LEU C 138 21.25 -5.86 4.63
N TYR C 139 21.45 -6.88 3.78
CA TYR C 139 20.43 -7.45 2.92
C TYR C 139 20.52 -8.95 3.01
N ALA C 140 19.38 -9.62 2.88
CA ALA C 140 19.35 -11.08 2.84
C ALA C 140 18.50 -11.47 1.65
N ALA C 141 19.11 -12.15 0.68
CA ALA C 141 18.43 -12.48 -0.60
C ALA C 141 18.23 -13.99 -0.83
N PRO C 142 17.05 -14.40 -1.35
CA PRO C 142 16.93 -15.82 -1.62
C PRO C 142 17.67 -16.15 -2.92
N MET C 143 18.53 -17.14 -2.87
CA MET C 143 19.29 -17.50 -4.04
C MET C 143 19.17 -19.00 -4.30
N THR C 144 19.50 -19.39 -5.52
CA THR C 144 19.54 -20.78 -5.94
C THR C 144 20.82 -21.43 -5.37
N VAL C 145 20.83 -21.67 -4.05
CA VAL C 145 22.00 -22.27 -3.41
C VAL C 145 21.55 -23.38 -2.44
N PRO C 146 22.43 -24.36 -2.14
CA PRO C 146 22.01 -25.40 -1.21
C PRO C 146 22.37 -25.11 0.27
N HIS C 147 21.57 -25.64 1.18
CA HIS C 147 21.86 -25.52 2.61
C HIS C 147 23.11 -26.31 3.00
N THR C 148 23.63 -27.09 2.06
CA THR C 148 24.83 -27.89 2.28
C THR C 148 26.15 -27.20 1.85
N ARG C 149 26.08 -25.94 1.48
CA ARG C 149 27.29 -25.22 1.14
C ARG C 149 27.38 -23.99 2.03
N PRO C 150 28.60 -23.46 2.19
CA PRO C 150 28.76 -22.20 2.93
C PRO C 150 27.87 -21.07 2.40
N THR C 151 27.32 -20.29 3.33
CA THR C 151 26.63 -19.03 3.04
C THR C 151 27.61 -18.04 2.43
N VAL C 152 27.22 -17.58 1.25
CA VAL C 152 27.97 -16.62 0.49
C VAL C 152 27.46 -15.21 0.79
N VAL C 153 28.39 -14.28 0.94
CA VAL C 153 28.09 -12.87 0.99
C VAL C 153 28.70 -12.15 -0.22
N THR C 154 27.91 -11.30 -0.88
CA THR C 154 28.42 -10.33 -1.84
C THR C 154 28.34 -8.90 -1.28
N ALA C 155 29.21 -8.02 -1.77
CA ALA C 155 29.35 -6.67 -1.28
C ALA C 155 29.39 -5.64 -2.42
N HIS C 156 28.69 -4.53 -2.25
CA HIS C 156 28.83 -3.44 -3.19
C HIS C 156 29.11 -2.16 -2.38
N GLY C 157 29.63 -1.12 -3.03
CA GLY C 157 29.98 0.10 -2.31
C GLY C 157 31.43 0.46 -2.51
N ASN C 158 31.95 1.35 -1.67
CA ASN C 158 33.30 1.89 -1.87
C ASN C 158 34.22 1.53 -0.71
N SER C 159 33.70 0.76 0.26
CA SER C 159 34.47 0.28 1.37
C SER C 159 34.37 -1.23 1.56
N THR C 160 34.16 -1.90 0.44
CA THR C 160 34.10 -3.32 0.26
C THR C 160 35.44 -4.05 0.56
N ASP C 161 36.56 -3.33 0.40
CA ASP C 161 37.89 -3.82 0.65
C ASP C 161 38.05 -4.36 2.08
N ARG C 162 37.24 -3.84 3.00
CA ARG C 162 37.33 -4.18 4.44
C ARG C 162 36.81 -5.59 4.77
N LEU C 163 36.09 -6.21 3.83
CA LEU C 163 35.48 -7.51 4.07
C LEU C 163 36.31 -8.62 3.42
N LYS C 164 36.89 -9.51 4.25
CA LYS C 164 37.84 -10.53 3.77
C LYS C 164 37.24 -11.79 3.12
N ASP C 165 35.96 -12.06 3.42
CA ASP C 165 35.22 -13.25 2.89
C ASP C 165 33.99 -12.78 2.05
N GLN C 166 34.11 -12.87 0.74
CA GLN C 166 33.27 -12.10 -0.16
C GLN C 166 33.37 -12.70 -1.57
N VAL C 167 32.21 -12.88 -2.21
CA VAL C 167 32.15 -13.61 -3.48
C VAL C 167 31.93 -12.66 -4.65
N SER C 168 32.53 -11.47 -4.57
CA SER C 168 32.23 -10.40 -5.49
C SER C 168 33.42 -10.11 -6.41
N THR C 171 28.28 -8.38 -11.43
CA THR C 171 28.02 -7.85 -12.77
C THR C 171 26.94 -6.74 -12.71
N ARG C 172 26.46 -6.26 -13.86
CA ARG C 172 25.41 -5.25 -13.92
C ARG C 172 24.03 -5.84 -13.61
N MET C 173 23.39 -5.32 -12.56
CA MET C 173 22.05 -5.79 -12.21
C MET C 173 21.08 -4.66 -11.87
N THR C 174 19.81 -4.98 -12.00
CA THR C 174 18.73 -4.04 -11.77
C THR C 174 17.86 -4.64 -10.67
N VAL C 175 17.76 -3.93 -9.54
CA VAL C 175 16.94 -4.38 -8.41
C VAL C 175 15.89 -3.33 -8.02
N PRO C 176 14.75 -3.79 -7.45
CA PRO C 176 13.79 -2.83 -6.90
C PRO C 176 14.51 -1.94 -5.84
N GLY C 177 14.22 -0.64 -5.88
CA GLY C 177 14.75 0.29 -4.88
C GLY C 177 14.35 -0.03 -3.44
N SER C 178 15.16 0.43 -2.49
CA SER C 178 14.89 0.28 -1.06
C SER C 178 15.39 1.58 -0.39
N ALA C 179 14.84 1.93 0.76
CA ALA C 179 15.34 3.08 1.54
C ALA C 179 16.85 3.02 1.79
N SER C 180 17.36 1.86 2.16
CA SER C 180 18.79 1.73 2.39
C SER C 180 19.64 1.98 1.12
N LEU C 181 19.14 1.54 -0.05
CA LEU C 181 19.81 1.82 -1.33
C LEU C 181 19.84 3.32 -1.67
N MET C 182 18.73 4.02 -1.45
CA MET C 182 18.75 5.47 -1.59
C MET C 182 19.81 6.06 -0.63
N LEU C 183 19.84 5.57 0.60
CA LEU C 183 20.81 6.02 1.57
C LEU C 183 22.26 5.79 1.10
N GLU C 184 22.57 4.59 0.62
CA GLU C 184 23.90 4.31 0.11
C GLU C 184 24.31 5.28 -1.00
N LYS C 185 23.38 5.54 -1.92
CA LYS C 185 23.68 6.38 -3.07
C LYS C 185 23.96 7.80 -2.61
N LEU C 186 23.16 8.28 -1.67
CA LEU C 186 23.38 9.58 -1.07
C LEU C 186 24.76 9.70 -0.35
N LEU C 187 25.14 8.67 0.41
CA LEU C 187 26.45 8.64 1.05
C LEU C 187 27.59 8.60 0.04
N LYS C 188 27.45 7.77 -0.97
CA LYS C 188 28.44 7.72 -2.04
C LYS C 188 28.59 9.12 -2.66
N ASP C 189 27.47 9.73 -3.02
CA ASP C 189 27.47 11.05 -3.69
C ASP C 189 28.12 12.13 -2.84
N LYS C 190 28.10 11.95 -1.52
CA LYS C 190 28.65 12.91 -0.59
C LYS C 190 30.11 12.59 -0.23
N GLY C 191 30.68 11.62 -0.94
CA GLY C 191 32.05 11.16 -0.70
C GLY C 191 32.30 10.37 0.59
N LYS C 192 31.24 9.80 1.19
CA LYS C 192 31.43 9.03 2.43
C LYS C 192 31.65 7.57 2.10
N ASN C 193 32.16 6.80 3.08
CA ASN C 193 32.40 5.36 2.95
C ASN C 193 31.10 4.61 3.23
N VAL C 194 30.76 3.68 2.33
CA VAL C 194 29.50 2.97 2.39
C VAL C 194 29.55 1.66 1.62
N SER C 195 29.09 0.58 2.26
CA SER C 195 28.92 -0.69 1.62
C SER C 195 27.56 -1.26 1.94
N GLY C 196 27.08 -2.15 1.06
CA GLY C 196 25.95 -3.01 1.34
C GLY C 196 26.39 -4.46 1.27
N TYR C 197 26.04 -5.23 2.31
CA TYR C 197 26.32 -6.68 2.36
C TYR C 197 25.02 -7.49 2.22
N THR C 198 25.03 -8.42 1.26
CA THR C 198 23.89 -9.26 0.95
C THR C 198 24.37 -10.72 1.14
N VAL C 199 23.70 -11.41 2.05
CA VAL C 199 23.91 -12.81 2.27
C VAL C 199 22.97 -13.63 1.36
N HIS C 200 23.47 -14.71 0.76
CA HIS C 200 22.65 -15.53 -0.13
C HIS C 200 22.11 -16.75 0.58
N VAL C 201 20.80 -16.85 0.65
CA VAL C 201 20.11 -17.85 1.45
C VAL C 201 19.38 -18.78 0.49
N PRO C 202 19.42 -20.11 0.72
CA PRO C 202 18.71 -21.05 -0.16
C PRO C 202 17.25 -20.64 -0.28
N HIS C 203 16.74 -20.54 -1.52
CA HIS C 203 15.37 -20.07 -1.71
C HIS C 203 14.32 -20.94 -1.02
N TYR C 204 14.58 -22.25 -0.94
CA TYR C 204 13.63 -23.17 -0.32
C TYR C 204 13.63 -23.09 1.19
N VAL C 205 14.35 -22.12 1.74
CA VAL C 205 14.52 -22.02 3.17
C VAL C 205 14.31 -20.56 3.67
N SER C 206 14.08 -19.65 2.72
CA SER C 206 14.02 -18.20 2.91
C SER C 206 12.82 -17.67 3.69
N ALA C 207 11.77 -18.48 3.79
CA ALA C 207 10.54 -18.06 4.43
C ALA C 207 10.66 -18.25 5.93
N SER C 208 11.55 -19.15 6.33
CA SER C 208 11.85 -19.51 7.70
C SER C 208 13.16 -18.89 8.20
N PRO C 209 13.33 -18.77 9.54
CA PRO C 209 14.60 -18.28 10.12
C PRO C 209 15.79 -19.16 9.71
N TYR C 210 16.86 -18.53 9.25
CA TYR C 210 17.99 -19.30 8.81
C TYR C 210 19.28 -18.69 9.38
N PRO C 211 19.64 -19.12 10.60
CA PRO C 211 20.70 -18.61 11.45
C PRO C 211 22.08 -18.53 10.82
N ALA C 212 22.38 -19.42 9.87
CA ALA C 212 23.69 -19.44 9.22
C ALA C 212 23.87 -18.11 8.48
N ALA C 213 22.76 -17.60 7.93
CA ALA C 213 22.74 -16.37 7.17
C ALA C 213 22.92 -15.20 8.10
N THR C 214 22.22 -15.20 9.23
CA THR C 214 22.44 -14.21 10.29
C THR C 214 23.89 -14.21 10.79
N LEU C 215 24.40 -15.39 11.12
CA LEU C 215 25.82 -15.56 11.46
C LEU C 215 26.78 -14.92 10.43
N LYS C 216 26.58 -15.26 9.16
CA LYS C 216 27.43 -14.77 8.09
C LYS C 216 27.45 -13.25 7.99
N LEU C 217 26.27 -12.61 8.02
CA LEU C 217 26.19 -11.17 8.11
C LEU C 217 26.95 -10.60 9.31
N LEU C 218 26.69 -11.16 10.50
CA LEU C 218 27.39 -10.69 11.69
C LEU C 218 28.94 -10.86 11.67
N GLN C 219 29.40 -12.02 11.16
CA GLN C 219 30.85 -12.27 10.94
C GLN C 219 31.43 -11.23 9.99
N SER C 220 30.65 -10.86 8.98
CA SER C 220 31.09 -9.88 7.99
C SER C 220 31.28 -8.51 8.64
N ILE C 221 30.32 -8.09 9.46
CA ILE C 221 30.46 -6.89 10.27
C ILE C 221 31.61 -6.93 11.30
N ALA C 222 31.71 -8.02 12.07
CA ALA C 222 32.77 -8.20 13.05
C ALA C 222 34.13 -8.02 12.39
N ASP C 223 34.32 -8.67 11.25
CA ASP C 223 35.56 -8.56 10.49
C ASP C 223 35.82 -7.15 9.93
N SER C 224 34.88 -6.55 9.23
CA SER C 224 35.21 -5.32 8.52
C SER C 224 35.13 -4.07 9.38
N ALA C 225 34.41 -4.15 10.50
CA ALA C 225 34.36 -3.04 11.44
C ALA C 225 35.30 -3.26 12.66
N ASP C 226 36.01 -4.40 12.66
CA ASP C 226 36.88 -4.83 13.77
C ASP C 226 36.13 -4.83 15.10
N LEU C 227 35.06 -5.60 15.16
CA LEU C 227 34.25 -5.68 16.34
C LEU C 227 34.34 -7.10 16.95
N ASN C 228 34.28 -7.15 18.27
CA ASN C 228 34.26 -8.41 18.98
C ASN C 228 32.82 -8.74 19.31
N LEU C 229 32.19 -9.55 18.48
CA LEU C 229 30.76 -9.83 18.65
C LEU C 229 30.57 -11.26 19.16
N PRO C 230 29.63 -11.46 20.11
CA PRO C 230 29.35 -12.84 20.61
C PRO C 230 28.45 -13.62 19.69
N LEU C 231 28.99 -14.57 18.94
CA LEU C 231 28.25 -15.21 17.87
C LEU C 231 28.10 -16.72 18.05
N LEU C 232 28.55 -17.25 19.18
CA LEU C 232 28.56 -18.72 19.38
C LEU C 232 27.16 -19.35 19.48
N ALA C 233 26.22 -18.63 20.11
CA ALA C 233 24.82 -19.09 20.16
C ALA C 233 24.19 -19.25 18.77
N LEU C 234 24.50 -18.34 17.84
CA LEU C 234 24.01 -18.45 16.48
C LEU C 234 24.64 -19.62 15.74
N GLU C 235 25.95 -19.87 15.97
CA GLU C 235 26.60 -21.10 15.50
C GLU C 235 25.83 -22.32 15.95
N ARG C 236 25.41 -22.37 17.23
CA ARG C 236 24.64 -23.53 17.70
C ARG C 236 23.28 -23.56 17.06
N ASP C 237 22.61 -22.41 16.99
CA ASP C 237 21.35 -22.37 16.25
C ASP C 237 21.51 -22.86 14.80
N ALA C 238 22.55 -22.43 14.10
CA ALA C 238 22.80 -22.89 12.73
C ALA C 238 22.99 -24.43 12.65
N GLU C 239 23.77 -24.97 13.59
CA GLU C 239 23.99 -26.42 13.73
C GLU C 239 22.67 -27.16 13.82
N LYS C 240 21.82 -26.72 14.75
CA LYS C 240 20.47 -27.24 14.92
C LYS C 240 19.62 -27.29 13.66
N VAL C 241 19.44 -26.15 12.97
CA VAL C 241 18.54 -26.13 11.80
C VAL C 241 19.13 -26.96 10.66
N HIS C 242 20.45 -27.07 10.63
CA HIS C 242 21.16 -27.83 9.60
C HIS C 242 20.97 -29.34 9.79
N ARG C 243 21.23 -29.83 11.01
CA ARG C 243 20.90 -31.19 11.40
C ARG C 243 19.43 -31.46 11.06
N GLN C 244 18.57 -30.52 11.41
CA GLN C 244 17.14 -30.59 11.10
C GLN C 244 16.88 -30.71 9.60
N LEU C 245 17.41 -29.79 8.80
CA LEU C 245 17.30 -29.83 7.33
C LEU C 245 17.85 -31.12 6.70
N MET C 246 18.89 -31.70 7.30
CA MET C 246 19.43 -32.99 6.84
C MET C 246 18.45 -34.18 6.97
N GLU C 247 17.72 -34.28 8.09
CA GLU C 247 16.68 -35.30 8.22
C GLU C 247 15.65 -35.08 7.11
N GLN C 248 15.03 -33.91 7.11
CA GLN C 248 14.02 -33.54 6.11
C GLN C 248 14.44 -33.87 4.67
N THR C 249 15.74 -33.76 4.38
CA THR C 249 16.29 -34.00 3.04
C THR C 249 16.65 -35.48 2.79
N GLU C 250 17.07 -36.18 3.85
CA GLU C 250 17.38 -37.61 3.78
C GLU C 250 16.09 -38.47 3.85
N GLU C 251 15.08 -37.95 4.52
CA GLU C 251 13.74 -38.52 4.48
C GLU C 251 12.97 -38.01 3.26
N SER C 252 13.59 -38.05 2.09
CA SER C 252 12.90 -37.78 0.84
C SER C 252 13.89 -37.73 -0.33
N SER C 253 13.50 -38.34 -1.44
CA SER C 253 14.42 -38.58 -2.55
C SER C 253 14.38 -37.44 -3.56
N GLU C 254 13.23 -36.79 -3.67
CA GLU C 254 13.04 -35.72 -4.64
C GLU C 254 13.72 -34.44 -4.20
N ILE C 255 13.69 -34.17 -2.90
CA ILE C 255 14.46 -33.08 -2.32
C ILE C 255 15.94 -33.42 -2.53
N GLN C 256 16.31 -34.63 -2.14
CA GLN C 256 17.68 -35.13 -2.27
C GLN C 256 18.29 -34.95 -3.66
N ARG C 257 17.43 -34.79 -4.67
CA ARG C 257 17.87 -34.63 -6.07
C ARG C 257 18.15 -33.16 -6.39
N VAL C 258 17.33 -32.26 -5.84
CA VAL C 258 17.50 -30.82 -6.04
C VAL C 258 18.82 -30.34 -5.40
N VAL C 259 19.14 -30.87 -4.21
CA VAL C 259 20.30 -30.45 -3.42
C VAL C 259 21.61 -30.84 -4.09
N GLY C 260 21.66 -32.05 -4.63
CA GLY C 260 22.81 -32.51 -5.40
C GLY C 260 22.99 -31.63 -6.63
N ALA C 261 21.85 -31.28 -7.24
CA ALA C 261 21.82 -30.43 -8.41
C ALA C 261 22.38 -29.05 -8.10
N LEU C 262 21.98 -28.51 -6.93
CA LEU C 262 22.40 -27.18 -6.48
C LEU C 262 23.87 -27.15 -6.03
N GLU C 263 24.29 -28.18 -5.30
CA GLU C 263 25.70 -28.42 -4.93
C GLU C 263 26.64 -28.42 -6.15
N GLN C 264 26.22 -29.09 -7.20
CA GLN C 264 26.95 -29.14 -8.45
C GLN C 264 27.05 -27.73 -9.06
N GLN C 265 25.93 -27.02 -9.14
CA GLN C 265 25.93 -25.62 -9.56
C GLN C 265 26.96 -24.79 -8.77
N TYR C 266 26.84 -24.85 -7.45
CA TYR C 266 27.72 -24.13 -6.51
C TYR C 266 29.21 -24.42 -6.71
N ASP C 267 29.57 -25.70 -6.72
CA ASP C 267 30.94 -26.15 -6.84
C ASP C 267 31.55 -25.81 -8.22
N SER C 268 30.74 -25.94 -9.26
CA SER C 268 31.10 -25.56 -10.63
C SER C 268 31.28 -24.04 -10.77
N GLU C 269 30.38 -23.29 -10.14
CA GLU C 269 30.47 -21.84 -10.11
C GLU C 269 31.65 -21.36 -9.24
N LEU C 270 32.00 -22.17 -8.24
CA LEU C 270 33.12 -21.88 -7.33
C LEU C 270 34.45 -21.92 -8.06
N GLU C 271 34.67 -22.96 -8.87
CA GLU C 271 35.84 -23.03 -9.75
C GLU C 271 35.89 -21.86 -10.76
N ARG C 272 34.76 -21.60 -11.43
CA ARG C 272 34.65 -20.50 -12.39
C ARG C 272 35.03 -19.15 -11.79
N TYR C 273 34.46 -18.81 -10.64
CA TYR C 273 34.85 -17.60 -9.91
C TYR C 273 36.32 -17.57 -9.40
N ARG C 274 36.91 -18.76 -9.18
CA ARG C 274 38.31 -18.87 -8.77
C ARG C 274 39.25 -19.13 -9.98
#